data_2N86
#
_entry.id   2N86
#
_entity_poly.entity_id   1
_entity_poly.type   'polypeptide(L)'
_entity_poly.pdbx_seq_one_letter_code
;GTPVGNNKCWAIGTTCSDDCDCCPEHHCHCPAGKWLPGLFRCTCQVTESDKVNKCPPAE
;
_entity_poly.pdbx_strand_id   A
#
# COMPACT_ATOMS: atom_id res chain seq x y z
N GLY A 1 -20.08 2.25 14.91
CA GLY A 1 -19.91 3.40 14.05
C GLY A 1 -18.59 3.38 13.30
N THR A 2 -18.59 2.75 12.13
CA THR A 2 -17.38 2.66 11.32
C THR A 2 -16.27 1.95 12.08
N PRO A 3 -16.40 0.62 12.23
CA PRO A 3 -15.41 -0.20 12.94
C PRO A 3 -14.11 -0.33 12.15
N VAL A 4 -13.03 -0.65 12.86
CA VAL A 4 -11.73 -0.82 12.24
C VAL A 4 -11.29 -2.27 12.25
N GLY A 5 -11.13 -2.86 11.06
CA GLY A 5 -10.71 -4.24 10.96
C GLY A 5 -9.26 -4.44 11.38
N ASN A 6 -8.48 -5.06 10.51
CA ASN A 6 -7.07 -5.32 10.80
C ASN A 6 -6.19 -4.28 10.13
N ASN A 7 -6.49 -3.98 8.86
CA ASN A 7 -5.71 -2.99 8.11
C ASN A 7 -5.59 -1.68 8.88
N LYS A 8 -4.36 -1.32 9.23
CA LYS A 8 -4.11 -0.09 9.98
C LYS A 8 -4.25 1.13 9.08
N CYS A 9 -3.99 0.93 7.79
CA CYS A 9 -4.09 2.02 6.82
C CYS A 9 -3.07 3.12 7.12
N TRP A 10 -1.86 2.95 6.61
CA TRP A 10 -0.80 3.93 6.83
C TRP A 10 -1.07 5.21 6.05
N ALA A 11 -0.07 6.08 6.00
CA ALA A 11 -0.21 7.35 5.29
C ALA A 11 -0.04 7.16 3.79
N ILE A 12 -0.99 7.67 3.01
CA ILE A 12 -0.94 7.55 1.56
C ILE A 12 0.31 8.21 1.00
N GLY A 13 1.09 7.44 0.25
CA GLY A 13 2.30 7.98 -0.34
C GLY A 13 3.55 7.56 0.42
N THR A 14 3.36 7.06 1.64
CA THR A 14 4.47 6.64 2.48
C THR A 14 4.82 5.17 2.22
N THR A 15 5.87 4.70 2.87
CA THR A 15 6.31 3.31 2.72
C THR A 15 5.48 2.38 3.58
N CYS A 16 5.23 1.17 3.08
CA CYS A 16 4.45 0.19 3.81
C CYS A 16 5.35 -0.69 4.68
N SER A 17 4.77 -1.26 5.73
CA SER A 17 5.52 -2.11 6.65
C SER A 17 4.82 -3.45 6.83
N ASP A 18 4.07 -3.87 5.82
CA ASP A 18 3.35 -5.14 5.88
C ASP A 18 2.51 -5.23 7.14
N ASP A 19 2.05 -6.44 7.45
CA ASP A 19 1.23 -6.67 8.64
C ASP A 19 -0.03 -5.82 8.61
N CYS A 20 -0.67 -5.77 7.45
CA CYS A 20 -1.90 -4.99 7.28
C CYS A 20 -1.62 -3.50 7.48
N ASP A 21 -0.35 -3.11 7.37
CA ASP A 21 0.04 -1.72 7.55
C ASP A 21 -0.80 -0.81 6.65
N CYS A 22 -0.78 -1.08 5.36
CA CYS A 22 -1.53 -0.28 4.40
C CYS A 22 -2.98 -0.77 4.30
N CYS A 23 -3.83 0.03 3.66
CA CYS A 23 -5.24 -0.32 3.50
C CYS A 23 -5.41 -1.43 2.47
N PRO A 24 -6.57 -2.10 2.50
CA PRO A 24 -6.88 -3.19 1.57
C PRO A 24 -7.09 -2.69 0.15
N GLU A 25 -7.91 -1.65 0.01
CA GLU A 25 -8.20 -1.08 -1.30
C GLU A 25 -6.93 -0.50 -1.94
N HIS A 26 -5.95 -0.21 -1.10
CA HIS A 26 -4.69 0.35 -1.58
C HIS A 26 -3.60 -0.72 -1.63
N HIS A 27 -2.45 -0.36 -2.19
CA HIS A 27 -1.34 -1.30 -2.31
C HIS A 27 -0.01 -0.57 -2.12
N CYS A 28 1.10 -1.31 -2.27
CA CYS A 28 2.43 -0.74 -2.12
C CYS A 28 3.15 -0.70 -3.47
N HIS A 29 3.13 0.45 -4.11
CA HIS A 29 3.78 0.63 -5.40
C HIS A 29 5.30 0.72 -5.23
N CYS A 30 6.03 -0.15 -5.93
CA CYS A 30 7.47 -0.16 -5.85
C CYS A 30 8.10 0.15 -7.21
N PRO A 31 7.94 1.39 -7.67
CA PRO A 31 8.47 1.84 -8.95
C PRO A 31 10.00 1.94 -8.95
N ALA A 32 10.56 2.45 -10.04
CA ALA A 32 12.00 2.59 -10.16
C ALA A 32 12.37 3.81 -11.00
N GLY A 33 13.63 4.19 -10.96
CA GLY A 33 14.10 5.34 -11.73
C GLY A 33 15.07 4.96 -12.82
N LYS A 34 14.97 5.63 -13.96
CA LYS A 34 15.86 5.36 -15.09
C LYS A 34 17.21 6.03 -14.89
N TRP A 35 18.02 6.03 -15.94
CA TRP A 35 19.34 6.65 -15.88
C TRP A 35 20.13 6.15 -14.68
N LEU A 36 20.86 5.04 -14.88
CA LEU A 36 21.65 4.45 -13.81
C LEU A 36 20.77 4.03 -12.64
N PRO A 37 21.29 3.12 -11.80
CA PRO A 37 20.57 2.62 -10.63
C PRO A 37 20.41 3.68 -9.54
N GLY A 38 19.26 3.67 -8.87
CA GLY A 38 19.02 4.63 -7.81
C GLY A 38 17.54 4.84 -7.56
N LEU A 39 16.77 3.76 -7.62
CA LEU A 39 15.33 3.83 -7.39
C LEU A 39 15.03 4.07 -5.92
N PHE A 40 14.02 4.90 -5.66
CA PHE A 40 13.62 5.22 -4.28
C PHE A 40 12.77 4.09 -3.70
N ARG A 41 12.39 4.25 -2.43
CA ARG A 41 11.57 3.26 -1.75
C ARG A 41 10.18 3.17 -2.37
N CYS A 42 9.33 2.34 -1.78
CA CYS A 42 7.97 2.16 -2.28
C CYS A 42 7.02 3.15 -1.62
N THR A 43 5.82 3.29 -2.19
CA THR A 43 4.82 4.21 -1.67
C THR A 43 3.42 3.60 -1.72
N CYS A 44 2.61 3.90 -0.73
CA CYS A 44 1.25 3.38 -0.67
C CYS A 44 0.31 4.19 -1.58
N GLN A 45 -0.41 3.48 -2.43
CA GLN A 45 -1.33 4.13 -3.36
C GLN A 45 -2.57 3.27 -3.58
N VAL A 46 -3.72 3.92 -3.82
CA VAL A 46 -4.96 3.20 -4.06
C VAL A 46 -4.83 2.23 -5.22
N THR A 47 -5.56 1.11 -5.13
CA THR A 47 -5.53 0.10 -6.18
C THR A 47 -6.93 -0.40 -6.51
N GLU A 48 -7.21 -0.54 -7.80
CA GLU A 48 -8.52 -1.02 -8.25
C GLU A 48 -8.40 -2.36 -8.96
N SER A 49 -7.20 -2.65 -9.47
CA SER A 49 -6.97 -3.90 -10.18
C SER A 49 -7.28 -5.09 -9.28
N ASP A 50 -7.12 -6.29 -9.84
CA ASP A 50 -7.39 -7.52 -9.10
C ASP A 50 -6.32 -7.77 -8.05
N LYS A 51 -5.14 -7.18 -8.26
CA LYS A 51 -4.03 -7.33 -7.34
C LYS A 51 -4.05 -6.26 -6.25
N VAL A 52 -4.50 -6.64 -5.06
CA VAL A 52 -4.58 -5.69 -3.94
C VAL A 52 -3.82 -6.23 -2.72
N ASN A 53 -3.86 -5.47 -1.64
CA ASN A 53 -3.19 -5.87 -0.41
C ASN A 53 -3.58 -7.29 0.00
N LYS A 54 -2.59 -8.10 0.32
CA LYS A 54 -2.81 -9.48 0.73
C LYS A 54 -3.82 -9.55 1.87
N CYS A 55 -3.89 -8.48 2.65
CA CYS A 55 -4.82 -8.42 3.79
C CYS A 55 -6.27 -8.32 3.29
N PRO A 56 -7.21 -8.74 4.15
CA PRO A 56 -8.63 -8.70 3.83
C PRO A 56 -9.18 -7.28 3.78
N PRO A 57 -10.41 -7.14 3.24
CA PRO A 57 -11.07 -5.84 3.12
C PRO A 57 -11.48 -5.27 4.47
N ALA A 58 -12.23 -4.16 4.44
CA ALA A 58 -12.68 -3.52 5.66
C ALA A 58 -13.77 -2.48 5.36
N GLU A 59 -14.97 -2.74 5.86
CA GLU A 59 -16.10 -1.83 5.64
C GLU A 59 -16.63 -1.29 6.97
N GLY A 1 -14.54 2.92 19.18
CA GLY A 1 -15.91 2.44 19.16
C GLY A 1 -16.06 1.15 18.37
N THR A 2 -16.21 1.29 17.05
CA THR A 2 -16.37 0.13 16.18
C THR A 2 -15.97 0.46 14.75
N PRO A 3 -14.66 0.59 14.51
CA PRO A 3 -14.13 0.90 13.18
C PRO A 3 -14.30 -0.25 12.20
N VAL A 4 -14.09 0.04 10.91
CA VAL A 4 -14.21 -0.98 9.87
C VAL A 4 -12.87 -1.25 9.20
N GLY A 5 -12.66 -2.49 8.81
CA GLY A 5 -11.41 -2.87 8.15
C GLY A 5 -10.23 -2.85 9.11
N ASN A 6 -9.43 -3.91 9.08
CA ASN A 6 -8.26 -4.00 9.95
C ASN A 6 -7.12 -3.15 9.42
N ASN A 7 -7.11 -2.92 8.11
CA ASN A 7 -6.07 -2.11 7.48
C ASN A 7 -5.92 -0.76 8.19
N LYS A 8 -4.74 -0.53 8.78
CA LYS A 8 -4.47 0.71 9.49
C LYS A 8 -4.60 1.91 8.55
N CYS A 9 -4.27 1.68 7.28
CA CYS A 9 -4.34 2.75 6.28
C CYS A 9 -3.35 3.87 6.60
N TRP A 10 -2.13 3.72 6.12
CA TRP A 10 -1.09 4.72 6.36
C TRP A 10 -1.33 5.97 5.53
N ALA A 11 -0.40 6.92 5.60
CA ALA A 11 -0.52 8.16 4.86
C ALA A 11 -0.09 7.98 3.41
N ILE A 12 -0.94 8.42 2.49
CA ILE A 12 -0.66 8.30 1.06
C ILE A 12 0.66 8.99 0.71
N GLY A 13 1.59 8.22 0.17
CA GLY A 13 2.88 8.78 -0.21
C GLY A 13 4.02 8.21 0.62
N THR A 14 3.68 7.60 1.75
CA THR A 14 4.68 7.02 2.64
C THR A 14 4.88 5.54 2.36
N THR A 15 5.91 4.95 2.95
CA THR A 15 6.20 3.54 2.75
C THR A 15 5.27 2.67 3.60
N CYS A 16 5.31 1.36 3.36
CA CYS A 16 4.48 0.42 4.10
C CYS A 16 5.34 -0.58 4.87
N SER A 17 4.69 -1.47 5.61
CA SER A 17 5.39 -2.48 6.39
C SER A 17 4.55 -3.74 6.53
N ASP A 18 3.61 -3.92 5.61
CA ASP A 18 2.73 -5.09 5.63
C ASP A 18 1.90 -5.13 6.90
N ASP A 19 1.33 -6.29 7.20
CA ASP A 19 0.51 -6.45 8.40
C ASP A 19 -0.67 -5.49 8.38
N CYS A 20 -1.32 -5.37 7.22
CA CYS A 20 -2.46 -4.48 7.08
C CYS A 20 -2.06 -3.03 7.30
N ASP A 21 -0.76 -2.75 7.17
CA ASP A 21 -0.24 -1.40 7.36
C ASP A 21 -1.01 -0.41 6.49
N CYS A 22 -1.01 -0.64 5.19
CA CYS A 22 -1.71 0.24 4.25
C CYS A 22 -3.16 -0.20 4.06
N CYS A 23 -3.88 0.53 3.23
CA CYS A 23 -5.28 0.22 2.97
C CYS A 23 -5.40 -0.87 1.90
N PRO A 24 -6.58 -1.51 1.83
CA PRO A 24 -6.85 -2.57 0.86
C PRO A 24 -6.94 -2.04 -0.56
N GLU A 25 -7.72 -0.98 -0.75
CA GLU A 25 -7.91 -0.38 -2.06
C GLU A 25 -6.60 0.22 -2.57
N HIS A 26 -5.70 0.54 -1.65
CA HIS A 26 -4.41 1.10 -1.99
C HIS A 26 -3.30 0.07 -1.91
N HIS A 27 -2.11 0.42 -2.39
CA HIS A 27 -0.97 -0.48 -2.36
C HIS A 27 0.34 0.30 -2.31
N CYS A 28 1.45 -0.43 -2.31
CA CYS A 28 2.77 0.19 -2.26
C CYS A 28 3.38 0.29 -3.66
N HIS A 29 3.36 1.50 -4.23
CA HIS A 29 3.91 1.73 -5.55
C HIS A 29 5.43 1.80 -5.51
N CYS A 30 6.08 1.12 -6.45
CA CYS A 30 7.53 1.09 -6.52
C CYS A 30 8.00 1.10 -7.97
N PRO A 31 7.97 2.27 -8.61
CA PRO A 31 8.39 2.44 -10.00
C PRO A 31 9.90 2.29 -10.17
N ALA A 32 10.37 2.53 -11.38
CA ALA A 32 11.80 2.43 -11.67
C ALA A 32 12.26 3.54 -12.61
N GLY A 33 13.47 4.04 -12.38
CA GLY A 33 14.00 5.11 -13.22
C GLY A 33 15.17 4.65 -14.06
N LYS A 34 15.09 4.91 -15.36
CA LYS A 34 16.16 4.52 -16.28
C LYS A 34 17.47 5.22 -15.92
N TRP A 35 18.45 5.11 -16.80
CA TRP A 35 19.75 5.73 -16.59
C TRP A 35 20.30 5.37 -15.21
N LEU A 36 21.03 4.25 -15.15
CA LEU A 36 21.62 3.79 -13.90
C LEU A 36 20.53 3.44 -12.89
N PRO A 37 20.90 2.65 -11.87
CA PRO A 37 19.98 2.24 -10.81
C PRO A 37 19.59 3.40 -9.89
N GLY A 38 18.55 3.19 -9.09
CA GLY A 38 18.11 4.22 -8.16
C GLY A 38 16.67 4.02 -7.73
N LEU A 39 16.30 2.77 -7.50
CA LEU A 39 14.94 2.44 -7.06
C LEU A 39 14.77 2.69 -5.57
N PHE A 40 14.16 3.81 -5.23
CA PHE A 40 13.93 4.16 -3.82
C PHE A 40 12.82 3.31 -3.23
N ARG A 41 12.38 3.68 -2.03
CA ARG A 41 11.32 2.95 -1.35
C ARG A 41 9.99 3.09 -2.09
N CYS A 42 8.95 2.45 -1.55
CA CYS A 42 7.63 2.49 -2.17
C CYS A 42 6.74 3.52 -1.47
N THR A 43 5.61 3.84 -2.09
CA THR A 43 4.68 4.80 -1.53
C THR A 43 3.25 4.27 -1.57
N CYS A 44 2.47 4.59 -0.55
CA CYS A 44 1.08 4.16 -0.46
C CYS A 44 0.18 5.01 -1.33
N GLN A 45 -0.50 4.38 -2.28
CA GLN A 45 -1.40 5.09 -3.18
C GLN A 45 -2.53 4.18 -3.66
N VAL A 46 -3.61 4.79 -4.13
CA VAL A 46 -4.75 4.03 -4.61
C VAL A 46 -4.35 3.03 -5.68
N THR A 47 -5.04 1.90 -5.72
CA THR A 47 -4.75 0.85 -6.70
C THR A 47 -6.04 0.20 -7.21
N GLU A 48 -6.01 -0.25 -8.46
CA GLU A 48 -7.17 -0.90 -9.06
C GLU A 48 -6.87 -2.36 -9.38
N SER A 49 -5.59 -2.66 -9.61
CA SER A 49 -5.18 -4.02 -9.94
C SER A 49 -5.70 -5.01 -8.91
N ASP A 50 -5.60 -6.29 -9.22
CA ASP A 50 -6.07 -7.35 -8.33
C ASP A 50 -4.92 -7.88 -7.47
N LYS A 51 -3.89 -7.06 -7.29
CA LYS A 51 -2.74 -7.45 -6.48
C LYS A 51 -2.54 -6.50 -5.31
N VAL A 52 -3.62 -5.83 -4.91
CA VAL A 52 -3.56 -4.90 -3.79
C VAL A 52 -3.36 -5.62 -2.47
N ASN A 53 -3.44 -4.88 -1.37
CA ASN A 53 -3.28 -5.46 -0.05
C ASN A 53 -4.15 -6.69 0.14
N LYS A 54 -3.52 -7.85 0.25
CA LYS A 54 -4.25 -9.10 0.43
C LYS A 54 -5.16 -9.03 1.65
N CYS A 55 -4.81 -8.17 2.60
CA CYS A 55 -5.60 -8.01 3.81
C CYS A 55 -7.08 -7.81 3.48
N PRO A 56 -7.89 -8.83 3.77
CA PRO A 56 -9.34 -8.79 3.52
C PRO A 56 -10.07 -7.83 4.44
N PRO A 57 -11.33 -7.54 4.11
CA PRO A 57 -12.16 -6.62 4.91
C PRO A 57 -12.55 -7.21 6.25
N ALA A 58 -13.39 -6.50 6.99
CA ALA A 58 -13.83 -6.95 8.30
C ALA A 58 -15.33 -7.26 8.30
N GLU A 59 -15.84 -7.69 7.15
CA GLU A 59 -17.26 -8.01 7.01
C GLU A 59 -17.51 -9.48 7.35
N GLY A 1 -21.86 -3.25 17.51
CA GLY A 1 -21.53 -3.12 16.10
C GLY A 1 -20.36 -3.99 15.70
N THR A 2 -20.03 -3.97 14.41
CA THR A 2 -18.92 -4.77 13.89
C THR A 2 -17.59 -4.20 14.35
N PRO A 3 -16.54 -5.04 14.31
CA PRO A 3 -15.19 -4.64 14.72
C PRO A 3 -14.55 -3.66 13.73
N VAL A 4 -13.47 -3.02 14.17
CA VAL A 4 -12.77 -2.05 13.34
C VAL A 4 -11.61 -2.71 12.59
N GLY A 5 -11.38 -2.27 11.35
CA GLY A 5 -10.30 -2.82 10.55
C GLY A 5 -8.94 -2.61 11.18
N ASN A 6 -7.96 -3.37 10.74
CA ASN A 6 -6.60 -3.26 11.27
C ASN A 6 -5.74 -2.39 10.36
N ASN A 7 -6.19 -2.19 9.14
CA ASN A 7 -5.46 -1.38 8.17
C ASN A 7 -5.11 -0.03 8.74
N LYS A 8 -3.83 0.35 8.64
CA LYS A 8 -3.37 1.63 9.16
C LYS A 8 -3.82 2.78 8.26
N CYS A 9 -3.72 2.57 6.95
CA CYS A 9 -4.12 3.58 5.98
C CYS A 9 -3.46 4.92 6.29
N TRP A 10 -2.14 4.94 6.27
CA TRP A 10 -1.39 6.17 6.56
C TRP A 10 -1.35 7.08 5.34
N ALA A 11 -0.61 8.17 5.45
CA ALA A 11 -0.49 9.13 4.35
C ALA A 11 -0.08 8.43 3.06
N ILE A 12 -0.94 8.49 2.06
CA ILE A 12 -0.67 7.86 0.78
C ILE A 12 0.69 8.29 0.23
N GLY A 13 1.58 7.33 0.04
CA GLY A 13 2.90 7.63 -0.47
C GLY A 13 4.01 7.06 0.39
N THR A 14 3.69 6.76 1.64
CA THR A 14 4.67 6.20 2.57
C THR A 14 5.08 4.80 2.15
N THR A 15 6.27 4.38 2.58
CA THR A 15 6.78 3.05 2.25
C THR A 15 5.92 1.96 2.86
N CYS A 16 5.57 0.95 2.05
CA CYS A 16 4.75 -0.15 2.51
C CYS A 16 5.61 -1.27 3.08
N SER A 17 5.05 -2.02 4.02
CA SER A 17 5.78 -3.12 4.65
C SER A 17 4.82 -4.22 5.09
N ASP A 18 3.65 -4.27 4.45
CA ASP A 18 2.65 -5.27 4.77
C ASP A 18 2.13 -5.09 6.20
N ASP A 19 1.54 -6.15 6.75
CA ASP A 19 1.01 -6.10 8.10
C ASP A 19 -0.11 -5.07 8.21
N CYS A 20 -0.93 -4.98 7.17
CA CYS A 20 -2.04 -4.03 7.16
C CYS A 20 -1.53 -2.60 7.28
N ASP A 21 -0.26 -2.40 6.98
CA ASP A 21 0.35 -1.07 7.06
C ASP A 21 -0.36 -0.10 6.15
N CYS A 22 -1.08 -0.63 5.17
CA CYS A 22 -1.81 0.20 4.22
C CYS A 22 -3.30 -0.14 4.22
N CYS A 23 -4.02 0.39 3.24
CA CYS A 23 -5.46 0.14 3.13
C CYS A 23 -5.74 -1.08 2.26
N PRO A 24 -6.95 -1.64 2.40
CA PRO A 24 -7.36 -2.82 1.62
C PRO A 24 -7.55 -2.51 0.15
N GLU A 25 -7.94 -1.27 -0.15
CA GLU A 25 -8.16 -0.84 -1.52
C GLU A 25 -6.92 -0.17 -2.09
N HIS A 26 -5.77 -0.42 -1.47
CA HIS A 26 -4.51 0.16 -1.91
C HIS A 26 -3.45 -0.93 -2.13
N HIS A 27 -2.27 -0.50 -2.54
CA HIS A 27 -1.17 -1.43 -2.79
C HIS A 27 0.17 -0.71 -2.79
N CYS A 28 1.23 -1.44 -3.12
CA CYS A 28 2.58 -0.86 -3.16
C CYS A 28 2.93 -0.41 -4.57
N HIS A 29 3.61 0.73 -4.67
CA HIS A 29 4.01 1.27 -5.96
C HIS A 29 5.53 1.36 -6.06
N CYS A 30 6.09 0.83 -7.15
CA CYS A 30 7.53 0.85 -7.36
C CYS A 30 7.86 0.85 -8.84
N PRO A 31 7.73 2.02 -9.48
CA PRO A 31 8.00 2.18 -10.92
C PRO A 31 9.50 2.06 -11.23
N ALA A 32 9.86 2.39 -12.47
CA ALA A 32 11.26 2.32 -12.90
C ALA A 32 11.61 3.51 -13.79
N GLY A 33 12.73 4.14 -13.49
CA GLY A 33 13.17 5.29 -14.27
C GLY A 33 14.59 5.15 -14.76
N LYS A 34 14.96 5.95 -15.75
CA LYS A 34 16.31 5.92 -16.31
C LYS A 34 17.35 6.08 -15.22
N TRP A 35 18.58 5.67 -15.51
CA TRP A 35 19.67 5.77 -14.54
C TRP A 35 19.28 5.14 -13.21
N LEU A 36 19.57 3.85 -13.08
CA LEU A 36 19.25 3.11 -11.85
C LEU A 36 17.75 3.15 -11.58
N PRO A 37 16.99 2.36 -12.35
CA PRO A 37 15.54 2.27 -12.20
C PRO A 37 15.12 1.57 -10.91
N GLY A 38 14.00 2.00 -10.34
CA GLY A 38 13.51 1.41 -9.10
C GLY A 38 14.59 1.36 -8.03
N LEU A 39 15.42 2.38 -7.98
CA LEU A 39 16.49 2.45 -6.99
C LEU A 39 15.96 2.91 -5.64
N PHE A 40 14.98 3.80 -5.67
CA PHE A 40 14.38 4.32 -4.44
C PHE A 40 13.37 3.33 -3.87
N ARG A 41 12.93 3.58 -2.64
CA ARG A 41 11.97 2.71 -1.98
C ARG A 41 10.62 2.77 -2.68
N CYS A 42 9.63 2.08 -2.12
CA CYS A 42 8.29 2.04 -2.69
C CYS A 42 7.37 3.03 -1.99
N THR A 43 6.16 3.18 -2.51
CA THR A 43 5.18 4.10 -1.93
C THR A 43 3.78 3.49 -1.95
N CYS A 44 3.02 3.76 -0.90
CA CYS A 44 1.65 3.25 -0.79
C CYS A 44 0.68 4.09 -1.61
N GLN A 45 0.03 3.46 -2.58
CA GLN A 45 -0.92 4.16 -3.43
C GLN A 45 -2.18 3.33 -3.63
N VAL A 46 -3.18 3.92 -4.27
CA VAL A 46 -4.45 3.24 -4.52
C VAL A 46 -4.23 2.01 -5.40
N THR A 47 -5.12 1.03 -5.27
CA THR A 47 -5.04 -0.20 -6.04
C THR A 47 -5.35 0.05 -7.51
N GLU A 48 -4.31 0.10 -8.33
CA GLU A 48 -4.48 0.34 -9.76
C GLU A 48 -4.03 -0.88 -10.57
N SER A 49 -2.88 -1.44 -10.20
CA SER A 49 -2.34 -2.60 -10.90
C SER A 49 -3.25 -3.82 -10.71
N ASP A 50 -2.75 -4.98 -11.11
CA ASP A 50 -3.52 -6.21 -10.98
C ASP A 50 -3.20 -6.92 -9.66
N LYS A 51 -3.09 -6.14 -8.59
CA LYS A 51 -2.79 -6.69 -7.27
C LYS A 51 -3.41 -5.84 -6.18
N VAL A 52 -4.15 -6.48 -5.28
CA VAL A 52 -4.81 -5.78 -4.18
C VAL A 52 -4.33 -6.31 -2.83
N ASN A 53 -4.48 -5.50 -1.80
CA ASN A 53 -4.08 -5.88 -0.45
C ASN A 53 -4.71 -7.22 -0.06
N LYS A 54 -4.12 -7.87 0.94
CA LYS A 54 -4.63 -9.16 1.42
C LYS A 54 -5.29 -9.00 2.79
N CYS A 55 -5.40 -7.76 3.25
CA CYS A 55 -6.02 -7.49 4.54
C CYS A 55 -7.53 -7.34 4.41
N PRO A 56 -8.24 -7.55 5.52
CA PRO A 56 -9.71 -7.45 5.56
C PRO A 56 -10.19 -6.01 5.40
N PRO A 57 -11.50 -5.85 5.16
CA PRO A 57 -12.12 -4.53 4.99
C PRO A 57 -12.15 -3.73 6.29
N ALA A 58 -12.70 -2.52 6.22
CA ALA A 58 -12.79 -1.65 7.38
C ALA A 58 -13.87 -0.58 7.19
N GLU A 59 -14.68 -0.37 8.22
CA GLU A 59 -15.74 0.63 8.15
C GLU A 59 -15.83 1.41 9.46
N GLY A 1 -16.95 1.01 20.23
CA GLY A 1 -16.48 -0.20 19.57
C GLY A 1 -15.07 -0.04 19.03
N THR A 2 -14.56 -1.09 18.40
CA THR A 2 -13.22 -1.07 17.83
C THR A 2 -13.26 -1.16 16.32
N PRO A 3 -12.17 -0.73 15.66
CA PRO A 3 -12.06 -0.77 14.20
C PRO A 3 -11.94 -2.20 13.66
N VAL A 4 -12.28 -2.36 12.38
CA VAL A 4 -12.21 -3.67 11.74
C VAL A 4 -11.18 -3.69 10.62
N GLY A 5 -10.91 -4.87 10.09
CA GLY A 5 -9.94 -4.99 9.01
C GLY A 5 -8.52 -4.96 9.51
N ASN A 6 -7.72 -5.94 9.07
CA ASN A 6 -6.32 -6.02 9.48
C ASN A 6 -5.53 -4.85 8.93
N ASN A 7 -5.80 -4.48 7.68
CA ASN A 7 -5.11 -3.37 7.04
C ASN A 7 -5.14 -2.12 7.91
N LYS A 8 -3.97 -1.65 8.31
CA LYS A 8 -3.88 -0.46 9.15
C LYS A 8 -4.37 0.78 8.40
N CYS A 9 -4.12 0.82 7.10
CA CYS A 9 -4.55 1.94 6.27
C CYS A 9 -3.86 3.23 6.71
N TRP A 10 -2.66 3.47 6.18
CA TRP A 10 -1.91 4.67 6.53
C TRP A 10 -2.46 5.89 5.78
N ALA A 11 -1.73 7.00 5.87
CA ALA A 11 -2.14 8.23 5.21
C ALA A 11 -1.77 8.21 3.73
N ILE A 12 -2.75 8.48 2.87
CA ILE A 12 -2.52 8.50 1.43
C ILE A 12 -1.45 9.51 1.05
N GLY A 13 -0.37 9.03 0.47
CA GLY A 13 0.71 9.91 0.06
C GLY A 13 1.98 9.69 0.87
N THR A 14 1.84 9.02 2.01
CA THR A 14 2.98 8.75 2.87
C THR A 14 3.64 7.41 2.51
N THR A 15 4.77 7.13 3.14
CA THR A 15 5.50 5.89 2.89
C THR A 15 4.82 4.71 3.57
N CYS A 16 4.83 3.55 2.89
CA CYS A 16 4.22 2.34 3.43
C CYS A 16 5.22 1.55 4.26
N SER A 17 4.76 0.46 4.86
CA SER A 17 5.61 -0.40 5.68
C SER A 17 5.21 -1.86 5.54
N ASP A 18 4.48 -2.18 4.47
CA ASP A 18 4.03 -3.54 4.23
C ASP A 18 3.34 -4.11 5.45
N ASP A 19 3.14 -5.43 5.46
CA ASP A 19 2.48 -6.10 6.57
C ASP A 19 1.10 -5.50 6.83
N CYS A 20 0.33 -5.35 5.76
CA CYS A 20 -1.02 -4.79 5.87
C CYS A 20 -0.97 -3.34 6.34
N ASP A 21 0.20 -2.71 6.19
CA ASP A 21 0.38 -1.32 6.59
C ASP A 21 -0.68 -0.43 5.95
N CYS A 22 -0.73 -0.44 4.62
CA CYS A 22 -1.69 0.37 3.89
C CYS A 22 -2.98 -0.39 3.67
N CYS A 23 -3.99 0.29 3.11
CA CYS A 23 -5.28 -0.32 2.85
C CYS A 23 -5.18 -1.34 1.72
N PRO A 24 -6.18 -2.23 1.63
CA PRO A 24 -6.23 -3.26 0.59
C PRO A 24 -6.49 -2.69 -0.80
N GLU A 25 -7.17 -1.56 -0.84
CA GLU A 25 -7.48 -0.90 -2.11
C GLU A 25 -6.38 0.10 -2.49
N HIS A 26 -5.26 0.03 -1.79
CA HIS A 26 -4.13 0.92 -2.05
C HIS A 26 -2.83 0.14 -2.12
N HIS A 27 -1.73 0.83 -2.42
CA HIS A 27 -0.43 0.21 -2.52
C HIS A 27 0.68 1.26 -2.50
N CYS A 28 1.92 0.81 -2.65
CA CYS A 28 3.07 1.71 -2.65
C CYS A 28 3.44 2.13 -4.06
N HIS A 29 3.20 3.41 -4.38
CA HIS A 29 3.50 3.94 -5.69
C HIS A 29 4.95 4.44 -5.75
N CYS A 30 5.62 4.15 -6.87
CA CYS A 30 7.00 4.58 -7.05
C CYS A 30 7.28 4.92 -8.51
N PRO A 31 8.36 5.69 -8.74
CA PRO A 31 8.76 6.11 -10.10
C PRO A 31 9.29 4.95 -10.92
N ALA A 32 9.77 5.25 -12.13
CA ALA A 32 10.31 4.22 -13.01
C ALA A 32 11.47 4.78 -13.83
N GLY A 33 12.07 3.91 -14.64
CA GLY A 33 13.20 4.32 -15.46
C GLY A 33 14.52 4.26 -14.71
N LYS A 34 14.45 3.98 -13.42
CA LYS A 34 15.65 3.88 -12.59
C LYS A 34 16.27 2.49 -12.70
N TRP A 35 15.87 1.74 -13.71
CA TRP A 35 16.39 0.39 -13.93
C TRP A 35 16.19 -0.47 -12.68
N LEU A 36 15.07 -1.17 -12.62
CA LEU A 36 14.76 -2.03 -11.49
C LEU A 36 14.70 -1.23 -10.20
N PRO A 37 13.62 -0.45 -10.04
CA PRO A 37 13.41 0.39 -8.85
C PRO A 37 13.11 -0.45 -7.61
N GLY A 38 13.18 0.20 -6.44
CA GLY A 38 12.93 -0.50 -5.20
C GLY A 38 13.51 0.22 -3.99
N LEU A 39 14.63 0.89 -4.21
CA LEU A 39 15.31 1.62 -3.14
C LEU A 39 14.63 2.97 -2.90
N PHE A 40 14.11 3.57 -3.96
CA PHE A 40 13.42 4.85 -3.86
C PHE A 40 12.19 4.76 -2.98
N ARG A 41 11.85 5.85 -2.32
CA ARG A 41 10.69 5.88 -1.43
C ARG A 41 9.39 5.86 -2.23
N CYS A 42 8.36 5.24 -1.67
CA CYS A 42 7.07 5.14 -2.33
C CYS A 42 5.99 5.84 -1.52
N THR A 43 4.84 6.09 -2.14
CA THR A 43 3.72 6.74 -1.48
C THR A 43 2.46 5.90 -1.57
N CYS A 44 1.66 5.93 -0.50
CA CYS A 44 0.42 5.17 -0.46
C CYS A 44 -0.62 5.79 -1.37
N GLN A 45 -1.08 5.03 -2.37
CA GLN A 45 -2.08 5.50 -3.31
C GLN A 45 -3.07 4.39 -3.66
N VAL A 46 -4.31 4.78 -3.94
CA VAL A 46 -5.34 3.82 -4.30
C VAL A 46 -5.02 3.12 -5.61
N THR A 47 -5.44 1.87 -5.74
CA THR A 47 -5.20 1.09 -6.94
C THR A 47 -6.29 0.05 -7.16
N GLU A 48 -6.54 -0.28 -8.42
CA GLU A 48 -7.56 -1.27 -8.76
C GLU A 48 -6.93 -2.50 -9.42
N SER A 49 -5.73 -2.32 -9.97
CA SER A 49 -5.03 -3.41 -10.64
C SER A 49 -4.92 -4.62 -9.73
N ASP A 50 -4.43 -5.73 -10.28
CA ASP A 50 -4.28 -6.96 -9.51
C ASP A 50 -3.01 -6.92 -8.67
N LYS A 51 -2.26 -5.83 -8.80
CA LYS A 51 -1.01 -5.66 -8.04
C LYS A 51 -1.26 -4.87 -6.77
N VAL A 52 -2.51 -4.87 -6.30
CA VAL A 52 -2.87 -4.15 -5.09
C VAL A 52 -2.28 -4.82 -3.85
N ASN A 53 -2.58 -4.27 -2.68
CA ASN A 53 -2.08 -4.82 -1.43
C ASN A 53 -2.36 -6.31 -1.33
N LYS A 54 -1.31 -7.09 -1.14
CA LYS A 54 -1.45 -8.55 -1.03
C LYS A 54 -2.41 -8.92 0.10
N CYS A 55 -2.55 -8.02 1.06
CA CYS A 55 -3.45 -8.25 2.19
C CYS A 55 -4.90 -8.31 1.73
N PRO A 56 -5.73 -9.03 2.50
CA PRO A 56 -7.16 -9.18 2.20
C PRO A 56 -7.94 -7.89 2.40
N PRO A 57 -9.18 -7.87 1.91
CA PRO A 57 -10.06 -6.69 2.03
C PRO A 57 -10.51 -6.45 3.47
N ALA A 58 -11.29 -5.40 3.67
CA ALA A 58 -11.80 -5.07 5.00
C ALA A 58 -13.31 -4.89 4.98
N GLU A 59 -13.83 -4.32 3.90
CA GLU A 59 -15.26 -4.09 3.76
C GLU A 59 -15.80 -3.25 4.92
N GLY A 1 -14.12 3.08 22.32
CA GLY A 1 -13.01 2.45 21.64
C GLY A 1 -13.45 1.30 20.75
N THR A 2 -14.34 1.59 19.80
CA THR A 2 -14.84 0.58 18.88
C THR A 2 -14.58 0.97 17.43
N PRO A 3 -13.30 0.91 17.03
CA PRO A 3 -12.89 1.25 15.66
C PRO A 3 -13.37 0.23 14.64
N VAL A 4 -13.24 0.57 13.36
CA VAL A 4 -13.66 -0.31 12.28
C VAL A 4 -12.57 -0.45 11.22
N GLY A 5 -12.49 -1.64 10.62
CA GLY A 5 -11.49 -1.86 9.60
C GLY A 5 -10.10 -2.09 10.19
N ASN A 6 -9.48 -3.21 9.84
CA ASN A 6 -8.15 -3.53 10.34
C ASN A 6 -7.09 -2.71 9.61
N ASN A 7 -7.23 -2.60 8.30
CA ASN A 7 -6.27 -1.84 7.48
C ASN A 7 -6.09 -0.44 8.04
N LYS A 8 -4.87 -0.13 8.48
CA LYS A 8 -4.55 1.17 9.03
C LYS A 8 -4.64 2.26 7.95
N CYS A 9 -4.52 1.85 6.70
CA CYS A 9 -4.59 2.78 5.58
C CYS A 9 -3.53 3.87 5.73
N TRP A 10 -2.32 3.58 5.25
CA TRP A 10 -1.22 4.53 5.32
C TRP A 10 -1.41 5.66 4.30
N ALA A 11 -0.44 6.57 4.25
CA ALA A 11 -0.50 7.69 3.32
C ALA A 11 -0.07 7.26 1.91
N ILE A 12 -0.93 7.51 0.93
CA ILE A 12 -0.63 7.14 -0.45
C ILE A 12 0.65 7.82 -0.93
N GLY A 13 1.66 7.02 -1.24
CA GLY A 13 2.92 7.56 -1.72
C GLY A 13 4.09 7.14 -0.85
N THR A 14 3.80 6.74 0.38
CA THR A 14 4.84 6.31 1.31
C THR A 14 5.09 4.81 1.20
N THR A 15 6.22 4.36 1.75
CA THR A 15 6.58 2.95 1.71
C THR A 15 5.59 2.10 2.52
N CYS A 16 5.34 0.89 2.05
CA CYS A 16 4.42 -0.02 2.72
C CYS A 16 5.16 -0.88 3.74
N SER A 17 4.40 -1.51 4.63
CA SER A 17 4.98 -2.37 5.67
C SER A 17 4.14 -3.63 5.86
N ASP A 18 3.21 -3.86 4.95
CA ASP A 18 2.33 -5.02 5.02
C ASP A 18 1.69 -5.14 6.39
N ASP A 19 1.13 -6.30 6.69
CA ASP A 19 0.49 -6.54 7.97
C ASP A 19 -0.71 -5.62 8.15
N CYS A 20 -1.45 -5.38 7.07
CA CYS A 20 -2.61 -4.51 7.11
C CYS A 20 -2.21 -3.07 7.40
N ASP A 21 -0.92 -2.78 7.27
CA ASP A 21 -0.40 -1.45 7.51
C ASP A 21 -0.96 -0.46 6.49
N CYS A 22 -0.93 -0.84 5.22
CA CYS A 22 -1.43 0.01 4.16
C CYS A 22 -2.93 -0.19 3.94
N CYS A 23 -3.50 0.53 2.99
CA CYS A 23 -4.92 0.43 2.69
C CYS A 23 -5.26 -0.96 2.14
N PRO A 24 -6.53 -1.33 2.21
CA PRO A 24 -7.02 -2.62 1.73
C PRO A 24 -6.97 -2.73 0.21
N GLU A 25 -7.38 -1.67 -0.47
CA GLU A 25 -7.38 -1.65 -1.93
C GLU A 25 -6.11 -1.00 -2.47
N HIS A 26 -5.02 -1.13 -1.71
CA HIS A 26 -3.75 -0.55 -2.12
C HIS A 26 -2.62 -1.58 -1.98
N HIS A 27 -1.41 -1.17 -2.31
CA HIS A 27 -0.25 -2.05 -2.23
C HIS A 27 1.03 -1.30 -2.60
N CYS A 28 2.15 -2.01 -2.57
CA CYS A 28 3.44 -1.42 -2.90
C CYS A 28 3.64 -1.36 -4.42
N HIS A 29 3.95 -0.17 -4.92
CA HIS A 29 4.16 0.02 -6.35
C HIS A 29 5.60 0.45 -6.63
N CYS A 30 6.17 -0.09 -7.71
CA CYS A 30 7.53 0.24 -8.08
C CYS A 30 7.69 0.27 -9.61
N PRO A 31 7.10 1.31 -10.23
CA PRO A 31 7.16 1.49 -11.68
C PRO A 31 8.56 1.85 -12.17
N ALA A 32 8.68 2.12 -13.47
CA ALA A 32 9.97 2.48 -14.05
C ALA A 32 10.07 4.00 -14.25
N GLY A 33 11.17 4.57 -13.79
CA GLY A 33 11.37 6.00 -13.93
C GLY A 33 12.82 6.36 -14.17
N LYS A 34 13.04 7.47 -14.87
CA LYS A 34 14.40 7.93 -15.16
C LYS A 34 15.13 8.34 -13.89
N TRP A 35 16.34 8.85 -14.05
CA TRP A 35 17.15 9.28 -12.92
C TRP A 35 17.37 8.13 -11.94
N LEU A 36 18.54 7.49 -12.05
CA LEU A 36 18.87 6.38 -11.19
C LEU A 36 17.88 5.23 -11.35
N PRO A 37 18.29 4.02 -10.95
CA PRO A 37 17.45 2.82 -11.04
C PRO A 37 16.28 2.85 -10.06
N GLY A 38 15.32 1.96 -10.25
CA GLY A 38 14.17 1.90 -9.37
C GLY A 38 14.38 0.99 -8.19
N LEU A 39 15.64 0.67 -7.91
CA LEU A 39 15.98 -0.21 -6.79
C LEU A 39 15.52 0.39 -5.47
N PHE A 40 15.26 1.70 -5.47
CA PHE A 40 14.80 2.40 -4.27
C PHE A 40 13.55 1.76 -3.71
N ARG A 41 13.03 2.31 -2.62
CA ARG A 41 11.83 1.79 -1.98
C ARG A 41 10.62 1.99 -2.88
N CYS A 42 9.51 1.37 -2.51
CA CYS A 42 8.27 1.48 -3.28
C CYS A 42 7.31 2.46 -2.62
N THR A 43 6.18 2.70 -3.28
CA THR A 43 5.17 3.62 -2.77
C THR A 43 3.80 2.96 -2.69
N CYS A 44 3.04 3.30 -1.67
CA CYS A 44 1.71 2.74 -1.48
C CYS A 44 0.68 3.44 -2.36
N GLN A 45 0.00 2.66 -3.20
CA GLN A 45 -1.00 3.22 -4.11
C GLN A 45 -2.09 2.19 -4.40
N VAL A 46 -3.18 2.65 -5.01
CA VAL A 46 -4.29 1.77 -5.34
C VAL A 46 -3.82 0.57 -6.16
N THR A 47 -4.49 -0.56 -5.97
CA THR A 47 -4.14 -1.79 -6.68
C THR A 47 -5.23 -2.18 -7.67
N GLU A 48 -4.94 -2.01 -8.96
CA GLU A 48 -5.91 -2.34 -10.01
C GLU A 48 -5.64 -3.73 -10.56
N SER A 49 -4.40 -4.20 -10.40
CA SER A 49 -4.01 -5.52 -10.89
C SER A 49 -4.84 -6.61 -10.24
N ASP A 50 -4.44 -7.86 -10.43
CA ASP A 50 -5.14 -9.00 -9.86
C ASP A 50 -4.55 -9.38 -8.50
N LYS A 51 -3.77 -8.47 -7.94
CA LYS A 51 -3.14 -8.70 -6.64
C LYS A 51 -3.38 -7.52 -5.70
N VAL A 52 -4.30 -7.69 -4.76
CA VAL A 52 -4.62 -6.64 -3.80
C VAL A 52 -4.06 -6.99 -2.41
N ASN A 53 -4.19 -6.03 -1.49
CA ASN A 53 -3.71 -6.23 -0.12
C ASN A 53 -4.24 -7.53 0.46
N LYS A 54 -3.36 -8.31 1.08
CA LYS A 54 -3.74 -9.58 1.69
C LYS A 54 -4.88 -9.39 2.68
N CYS A 55 -4.99 -8.18 3.23
CA CYS A 55 -6.03 -7.86 4.19
C CYS A 55 -7.36 -7.57 3.49
N PRO A 56 -8.47 -7.82 4.19
CA PRO A 56 -9.81 -7.60 3.66
C PRO A 56 -10.13 -6.12 3.48
N PRO A 57 -11.23 -5.82 2.78
CA PRO A 57 -11.67 -4.45 2.52
C PRO A 57 -12.18 -3.76 3.78
N ALA A 58 -12.57 -2.50 3.64
CA ALA A 58 -13.09 -1.74 4.77
C ALA A 58 -13.53 -0.34 4.33
N GLU A 59 -12.56 0.54 4.10
CA GLU A 59 -12.86 1.90 3.68
C GLU A 59 -12.32 2.16 2.27
N GLY A 1 -20.47 2.02 17.74
CA GLY A 1 -19.60 3.09 17.29
C GLY A 1 -18.97 2.78 15.94
N THR A 2 -17.65 2.96 15.86
CA THR A 2 -16.92 2.72 14.63
C THR A 2 -15.52 2.17 14.92
N PRO A 3 -15.45 0.89 15.33
CA PRO A 3 -14.18 0.23 15.66
C PRO A 3 -13.34 -0.02 14.41
N VAL A 4 -12.03 -0.12 14.61
CA VAL A 4 -11.11 -0.38 13.51
C VAL A 4 -10.72 -1.85 13.43
N GLY A 5 -10.80 -2.41 12.22
CA GLY A 5 -10.45 -3.80 12.03
C GLY A 5 -8.95 -4.05 12.11
N ASN A 6 -8.40 -4.67 11.07
CA ASN A 6 -6.98 -4.98 11.02
C ASN A 6 -6.24 -3.95 10.16
N ASN A 7 -6.79 -3.67 8.98
CA ASN A 7 -6.18 -2.71 8.07
C ASN A 7 -5.88 -1.39 8.78
N LYS A 8 -4.61 -1.04 8.87
CA LYS A 8 -4.20 0.21 9.52
C LYS A 8 -4.39 1.40 8.58
N CYS A 9 -4.27 1.15 7.29
CA CYS A 9 -4.43 2.21 6.30
C CYS A 9 -3.46 3.36 6.55
N TRP A 10 -2.22 3.19 6.09
CA TRP A 10 -1.20 4.22 6.27
C TRP A 10 -1.50 5.44 5.43
N ALA A 11 -0.58 6.41 5.45
CA ALA A 11 -0.76 7.64 4.68
C ALA A 11 -0.55 7.40 3.20
N ILE A 12 -1.51 7.83 2.39
CA ILE A 12 -1.43 7.65 0.95
C ILE A 12 -0.18 8.33 0.37
N GLY A 13 0.63 7.56 -0.34
CA GLY A 13 1.83 8.10 -0.92
C GLY A 13 3.09 7.69 -0.17
N THR A 14 2.90 7.19 1.05
CA THR A 14 4.02 6.75 1.87
C THR A 14 4.32 5.28 1.66
N THR A 15 5.40 4.80 2.27
CA THR A 15 5.80 3.40 2.15
C THR A 15 4.97 2.51 3.07
N CYS A 16 4.72 1.28 2.62
CA CYS A 16 3.95 0.33 3.41
C CYS A 16 4.85 -0.49 4.32
N SER A 17 4.24 -1.30 5.18
CA SER A 17 4.99 -2.13 6.12
C SER A 17 4.29 -3.47 6.31
N ASP A 18 3.53 -3.89 5.31
CA ASP A 18 2.82 -5.16 5.36
C ASP A 18 2.00 -5.27 6.65
N ASP A 19 1.53 -6.47 6.96
CA ASP A 19 0.74 -6.70 8.15
C ASP A 19 -0.53 -5.85 8.14
N CYS A 20 -1.16 -5.74 6.97
CA CYS A 20 -2.37 -4.95 6.81
C CYS A 20 -2.10 -3.47 7.08
N ASP A 21 -0.83 -3.09 7.00
CA ASP A 21 -0.44 -1.70 7.22
C ASP A 21 -1.15 -0.76 6.26
N CYS A 22 -1.08 -1.08 4.97
CA CYS A 22 -1.73 -0.27 3.94
C CYS A 22 -3.23 -0.52 3.91
N CYS A 23 -3.96 0.38 3.26
CA CYS A 23 -5.41 0.26 3.16
C CYS A 23 -5.79 -0.99 2.38
N PRO A 24 -7.00 -1.51 2.66
CA PRO A 24 -7.52 -2.71 1.98
C PRO A 24 -7.83 -2.47 0.51
N GLU A 25 -8.29 -1.26 0.20
CA GLU A 25 -8.63 -0.90 -1.17
C GLU A 25 -7.44 -0.25 -1.87
N HIS A 26 -6.26 -0.43 -1.31
CA HIS A 26 -5.04 0.13 -1.88
C HIS A 26 -3.94 -0.93 -1.99
N HIS A 27 -2.75 -0.50 -2.41
CA HIS A 27 -1.63 -1.41 -2.56
C HIS A 27 -0.30 -0.66 -2.51
N CYS A 28 0.80 -1.39 -2.54
CA CYS A 28 2.13 -0.80 -2.49
C CYS A 28 2.73 -0.72 -3.89
N HIS A 29 2.65 0.46 -4.51
CA HIS A 29 3.20 0.66 -5.84
C HIS A 29 4.72 0.75 -5.80
N CYS A 30 5.38 -0.19 -6.46
CA CYS A 30 6.85 -0.22 -6.50
C CYS A 30 7.36 0.03 -7.91
N PRO A 31 7.26 1.29 -8.38
CA PRO A 31 7.71 1.67 -9.71
C PRO A 31 9.23 1.63 -9.86
N ALA A 32 9.73 2.13 -10.98
CA ALA A 32 11.16 2.16 -11.23
C ALA A 32 11.57 3.45 -11.93
N GLY A 33 12.66 4.05 -11.46
CA GLY A 33 13.15 5.28 -12.05
C GLY A 33 14.49 5.13 -12.73
N LYS A 34 14.71 5.89 -13.79
CA LYS A 34 15.96 5.82 -14.54
C LYS A 34 17.13 6.30 -13.68
N TRP A 35 18.29 6.48 -14.31
CA TRP A 35 19.48 6.93 -13.60
C TRP A 35 19.75 6.07 -12.38
N LEU A 36 20.49 4.99 -12.56
CA LEU A 36 20.81 4.08 -11.47
C LEU A 36 19.55 3.64 -10.73
N PRO A 37 18.76 2.77 -11.37
CA PRO A 37 17.52 2.26 -10.79
C PRO A 37 17.76 1.32 -9.62
N GLY A 38 17.15 1.62 -8.48
CA GLY A 38 17.33 0.79 -7.30
C GLY A 38 17.06 1.55 -6.01
N LEU A 39 17.27 2.86 -6.05
CA LEU A 39 17.05 3.70 -4.88
C LEU A 39 15.58 4.03 -4.72
N PHE A 40 14.84 4.00 -5.82
CA PHE A 40 13.41 4.30 -5.80
C PHE A 40 12.70 3.44 -4.75
N ARG A 41 11.71 4.03 -4.09
CA ARG A 41 10.94 3.33 -3.07
C ARG A 41 9.50 3.10 -3.52
N CYS A 42 8.72 2.47 -2.66
CA CYS A 42 7.31 2.19 -2.97
C CYS A 42 6.40 3.19 -2.29
N THR A 43 5.15 3.26 -2.76
CA THR A 43 4.17 4.18 -2.19
C THR A 43 2.78 3.56 -2.17
N CYS A 44 2.01 3.89 -1.14
CA CYS A 44 0.66 3.35 -1.01
C CYS A 44 -0.32 4.13 -1.89
N GLN A 45 -0.98 3.43 -2.80
CA GLN A 45 -1.94 4.05 -3.70
C GLN A 45 -3.15 3.15 -3.91
N VAL A 46 -4.24 3.73 -4.41
CA VAL A 46 -5.46 2.98 -4.65
C VAL A 46 -5.19 1.73 -5.47
N THR A 47 -6.05 0.72 -5.33
CA THR A 47 -5.90 -0.53 -6.06
C THR A 47 -6.19 -0.33 -7.54
N GLU A 48 -5.12 -0.16 -8.33
CA GLU A 48 -5.25 0.03 -9.76
C GLU A 48 -4.63 -1.13 -10.53
N SER A 49 -3.43 -1.54 -10.11
CA SER A 49 -2.73 -2.63 -10.76
C SER A 49 -3.40 -3.97 -10.46
N ASP A 50 -2.81 -5.05 -10.97
CA ASP A 50 -3.35 -6.38 -10.76
C ASP A 50 -2.96 -6.92 -9.39
N LYS A 51 -1.71 -6.71 -9.01
CA LYS A 51 -1.19 -7.17 -7.73
C LYS A 51 -1.40 -6.11 -6.65
N VAL A 52 -2.40 -6.30 -5.81
CA VAL A 52 -2.70 -5.37 -4.73
C VAL A 52 -2.79 -6.07 -3.39
N ASN A 53 -3.10 -5.32 -2.34
CA ASN A 53 -3.21 -5.88 -1.00
C ASN A 53 -4.14 -7.10 -0.99
N LYS A 54 -3.84 -8.05 -0.13
CA LYS A 54 -4.64 -9.27 -0.02
C LYS A 54 -5.44 -9.27 1.27
N CYS A 55 -5.33 -8.20 2.05
CA CYS A 55 -6.04 -8.09 3.32
C CYS A 55 -7.54 -7.91 3.07
N PRO A 56 -8.35 -8.23 4.09
CA PRO A 56 -9.80 -8.12 4.02
C PRO A 56 -10.27 -6.67 3.98
N PRO A 57 -11.56 -6.47 3.65
CA PRO A 57 -12.16 -5.14 3.58
C PRO A 57 -12.30 -4.49 4.95
N ALA A 58 -11.27 -4.63 5.77
CA ALA A 58 -11.28 -4.05 7.11
C ALA A 58 -12.54 -4.43 7.87
N GLU A 59 -13.08 -5.61 7.56
CA GLU A 59 -14.28 -6.10 8.21
C GLU A 59 -14.06 -6.31 9.70
N GLY A 1 -15.89 4.30 21.69
CA GLY A 1 -14.93 3.98 20.66
C GLY A 1 -15.43 2.95 19.67
N THR A 2 -15.38 1.68 20.06
CA THR A 2 -15.85 0.60 19.20
C THR A 2 -15.20 0.68 17.82
N PRO A 3 -13.91 0.37 17.74
CA PRO A 3 -13.16 0.41 16.49
C PRO A 3 -13.57 -0.71 15.53
N VAL A 4 -13.28 -0.52 14.25
CA VAL A 4 -13.63 -1.50 13.23
C VAL A 4 -12.59 -1.53 12.10
N GLY A 5 -12.41 -2.69 11.49
CA GLY A 5 -11.45 -2.82 10.41
C GLY A 5 -10.02 -2.90 10.91
N ASN A 6 -9.21 -3.70 10.23
CA ASN A 6 -7.82 -3.88 10.61
C ASN A 6 -6.90 -3.00 9.76
N ASN A 7 -7.29 -2.80 8.50
CA ASN A 7 -6.50 -1.98 7.58
C ASN A 7 -6.22 -0.61 8.19
N LYS A 8 -4.93 -0.33 8.40
CA LYS A 8 -4.52 0.95 8.99
C LYS A 8 -4.58 2.06 7.95
N CYS A 9 -4.35 1.71 6.68
CA CYS A 9 -4.38 2.68 5.60
C CYS A 9 -3.39 3.81 5.86
N TRP A 10 -2.13 3.56 5.52
CA TRP A 10 -1.09 4.56 5.71
C TRP A 10 -1.27 5.74 4.75
N ALA A 11 -0.29 6.64 4.72
CA ALA A 11 -0.35 7.80 3.85
C ALA A 11 0.06 7.44 2.42
N ILE A 12 -0.79 7.79 1.46
CA ILE A 12 -0.52 7.50 0.06
C ILE A 12 0.80 8.13 -0.38
N GLY A 13 1.72 7.28 -0.84
CA GLY A 13 3.01 7.77 -1.29
C GLY A 13 4.14 7.30 -0.41
N THR A 14 3.82 6.88 0.80
CA THR A 14 4.82 6.40 1.74
C THR A 14 5.07 4.91 1.58
N THR A 15 6.07 4.40 2.29
CA THR A 15 6.42 2.98 2.22
C THR A 15 5.45 2.15 3.04
N CYS A 16 5.15 0.94 2.55
CA CYS A 16 4.25 0.03 3.24
C CYS A 16 5.01 -0.93 4.15
N SER A 17 4.28 -1.71 4.94
CA SER A 17 4.89 -2.67 5.85
C SER A 17 3.99 -3.89 6.04
N ASP A 18 3.12 -4.13 5.05
CA ASP A 18 2.21 -5.26 5.11
C ASP A 18 1.45 -5.29 6.43
N ASP A 19 0.84 -6.43 6.74
CA ASP A 19 0.08 -6.58 7.97
C ASP A 19 -1.09 -5.60 8.02
N CYS A 20 -1.76 -5.44 6.88
CA CYS A 20 -2.89 -4.53 6.79
C CYS A 20 -2.46 -3.09 7.00
N ASP A 21 -1.15 -2.85 6.87
CA ASP A 21 -0.61 -1.51 7.05
C ASP A 21 -1.25 -0.52 6.09
N CYS A 22 -1.07 -0.75 4.79
CA CYS A 22 -1.65 0.12 3.77
C CYS A 22 -3.15 -0.08 3.66
N CYS A 23 -3.78 0.66 2.75
CA CYS A 23 -5.22 0.57 2.55
C CYS A 23 -5.58 -0.72 1.81
N PRO A 24 -6.82 -1.19 2.00
CA PRO A 24 -7.31 -2.40 1.35
C PRO A 24 -7.52 -2.21 -0.16
N GLU A 25 -7.87 -1.01 -0.55
CA GLU A 25 -8.10 -0.69 -1.96
C GLU A 25 -6.83 -0.15 -2.61
N HIS A 26 -5.71 -0.24 -1.88
CA HIS A 26 -4.43 0.25 -2.39
C HIS A 26 -3.38 -0.86 -2.35
N HIS A 27 -2.16 -0.52 -2.75
CA HIS A 27 -1.07 -1.48 -2.76
C HIS A 27 0.29 -0.77 -2.76
N CYS A 28 1.36 -1.55 -2.87
CA CYS A 28 2.71 -0.99 -2.88
C CYS A 28 3.28 -0.97 -4.28
N HIS A 29 3.87 0.17 -4.66
CA HIS A 29 4.46 0.32 -5.98
C HIS A 29 5.98 0.43 -5.89
N CYS A 30 6.67 -0.45 -6.63
CA CYS A 30 8.13 -0.46 -6.63
C CYS A 30 8.67 -0.46 -8.05
N PRO A 31 8.65 0.72 -8.69
CA PRO A 31 9.13 0.88 -10.06
C PRO A 31 10.65 0.73 -10.16
N ALA A 32 11.19 1.04 -11.33
CA ALA A 32 12.63 0.94 -11.56
C ALA A 32 13.37 2.04 -10.79
N GLY A 33 14.68 1.84 -10.62
CA GLY A 33 15.49 2.81 -9.90
C GLY A 33 16.74 3.19 -10.66
N LYS A 34 16.83 2.76 -11.92
CA LYS A 34 17.98 3.06 -12.74
C LYS A 34 18.17 4.57 -12.91
N TRP A 35 19.04 4.96 -13.82
CA TRP A 35 19.30 6.37 -14.08
C TRP A 35 19.79 7.07 -12.82
N LEU A 36 21.11 7.25 -12.72
CA LEU A 36 21.70 7.91 -11.56
C LEU A 36 21.47 7.10 -10.29
N PRO A 37 22.28 7.37 -9.26
CA PRO A 37 22.18 6.67 -7.97
C PRO A 37 20.92 7.06 -7.21
N GLY A 38 20.37 6.11 -6.46
CA GLY A 38 19.17 6.36 -5.68
C GLY A 38 18.31 5.13 -5.52
N LEU A 39 18.61 4.34 -4.50
CA LEU A 39 17.85 3.11 -4.23
C LEU A 39 16.36 3.39 -4.19
N PHE A 40 15.66 3.03 -5.26
CA PHE A 40 14.22 3.23 -5.34
C PHE A 40 13.50 2.54 -4.19
N ARG A 41 12.50 3.21 -3.65
CA ARG A 41 11.72 2.66 -2.54
C ARG A 41 10.27 2.39 -2.96
N CYS A 42 9.53 1.68 -2.11
CA CYS A 42 8.15 1.36 -2.40
C CYS A 42 7.22 2.46 -1.87
N THR A 43 6.16 2.74 -2.63
CA THR A 43 5.21 3.76 -2.24
C THR A 43 3.77 3.25 -2.35
N CYS A 44 2.92 3.67 -1.41
CA CYS A 44 1.53 3.25 -1.41
C CYS A 44 0.71 4.05 -2.41
N GLN A 45 -0.05 3.34 -3.25
CA GLN A 45 -0.87 3.99 -4.27
C GLN A 45 -2.19 3.24 -4.45
N VAL A 46 -3.18 3.92 -5.02
CA VAL A 46 -4.49 3.32 -5.25
C VAL A 46 -4.37 2.07 -6.11
N THR A 47 -5.33 1.16 -5.95
CA THR A 47 -5.34 -0.09 -6.70
C THR A 47 -6.75 -0.61 -6.90
N GLU A 48 -7.17 -0.73 -8.16
CA GLU A 48 -8.51 -1.22 -8.48
C GLU A 48 -8.43 -2.55 -9.22
N SER A 49 -7.30 -2.80 -9.87
CA SER A 49 -7.11 -4.02 -10.63
C SER A 49 -7.33 -5.24 -9.74
N ASP A 50 -7.23 -6.43 -10.34
CA ASP A 50 -7.40 -7.68 -9.61
C ASP A 50 -6.37 -7.81 -8.50
N LYS A 51 -5.22 -7.17 -8.69
CA LYS A 51 -4.14 -7.22 -7.72
C LYS A 51 -4.26 -6.07 -6.71
N VAL A 52 -4.75 -6.38 -5.51
CA VAL A 52 -4.91 -5.37 -4.48
C VAL A 52 -4.36 -5.86 -3.14
N ASN A 53 -4.49 -5.05 -2.11
CA ASN A 53 -3.99 -5.39 -0.78
C ASN A 53 -4.49 -6.77 -0.36
N LYS A 54 -3.59 -7.60 0.12
CA LYS A 54 -3.94 -8.95 0.57
C LYS A 54 -5.02 -8.91 1.65
N CYS A 55 -5.09 -7.77 2.34
CA CYS A 55 -6.08 -7.60 3.40
C CYS A 55 -7.46 -7.34 2.83
N PRO A 56 -8.50 -7.72 3.59
CA PRO A 56 -9.89 -7.53 3.17
C PRO A 56 -10.31 -6.07 3.15
N PRO A 57 -11.47 -5.79 2.55
CA PRO A 57 -12.01 -4.42 2.45
C PRO A 57 -12.47 -3.88 3.80
N ALA A 58 -11.58 -3.94 4.79
CA ALA A 58 -11.89 -3.46 6.13
C ALA A 58 -13.20 -4.07 6.64
N GLU A 59 -13.11 -5.28 7.16
CA GLU A 59 -14.28 -5.99 7.68
C GLU A 59 -13.94 -6.71 8.98
N GLY A 1 -8.68 0.97 21.83
CA GLY A 1 -10.04 0.94 22.33
C GLY A 1 -10.94 0.04 21.51
N THR A 2 -11.55 0.61 20.46
CA THR A 2 -12.44 -0.15 19.60
C THR A 2 -12.10 0.06 18.13
N PRO A 3 -10.93 -0.45 17.71
CA PRO A 3 -10.46 -0.33 16.33
C PRO A 3 -11.28 -1.17 15.36
N VAL A 4 -11.26 -0.77 14.09
CA VAL A 4 -12.01 -1.50 13.07
C VAL A 4 -11.13 -1.77 11.84
N GLY A 5 -11.11 -3.02 11.40
CA GLY A 5 -10.32 -3.39 10.25
C GLY A 5 -8.83 -3.34 10.53
N ASN A 6 -8.15 -4.46 10.32
CA ASN A 6 -6.71 -4.53 10.55
C ASN A 6 -5.97 -3.46 9.77
N ASN A 7 -6.36 -3.28 8.51
CA ASN A 7 -5.73 -2.28 7.65
C ASN A 7 -5.71 -0.91 8.33
N LYS A 8 -4.53 -0.40 8.59
CA LYS A 8 -4.37 0.89 9.23
C LYS A 8 -4.63 2.03 8.25
N CYS A 9 -4.45 1.75 6.96
CA CYS A 9 -4.68 2.74 5.92
C CYS A 9 -3.70 3.89 6.05
N TRP A 10 -2.53 3.75 5.43
CA TRP A 10 -1.51 4.78 5.48
C TRP A 10 -1.94 6.02 4.68
N ALA A 11 -1.02 6.96 4.54
CA ALA A 11 -1.30 8.19 3.79
C ALA A 11 -1.19 7.97 2.29
N ILE A 12 -2.23 8.34 1.56
CA ILE A 12 -2.24 8.17 0.11
C ILE A 12 -1.10 8.93 -0.54
N GLY A 13 -0.27 8.22 -1.29
CA GLY A 13 0.86 8.85 -1.96
C GLY A 13 2.18 8.54 -1.29
N THR A 14 2.11 8.00 -0.08
CA THR A 14 3.31 7.67 0.67
C THR A 14 3.69 6.20 0.47
N THR A 15 4.86 5.82 0.97
CA THR A 15 5.33 4.44 0.85
C THR A 15 4.70 3.54 1.90
N CYS A 16 4.60 2.25 1.58
CA CYS A 16 4.00 1.29 2.50
C CYS A 16 5.07 0.69 3.41
N SER A 17 4.62 -0.12 4.38
CA SER A 17 5.53 -0.76 5.32
C SER A 17 4.97 -2.10 5.80
N ASP A 18 4.08 -2.68 5.00
CA ASP A 18 3.47 -3.96 5.34
C ASP A 18 2.67 -3.84 6.63
N ASP A 19 2.33 -4.99 7.21
CA ASP A 19 1.55 -5.03 8.44
C ASP A 19 0.20 -4.34 8.26
N CYS A 20 -0.40 -4.55 7.09
CA CYS A 20 -1.70 -3.95 6.79
C CYS A 20 -1.62 -2.42 6.85
N ASP A 21 -0.41 -1.90 6.70
CA ASP A 21 -0.20 -0.45 6.72
C ASP A 21 -1.14 0.26 5.75
N CYS A 22 -1.08 -0.14 4.49
CA CYS A 22 -1.93 0.45 3.45
C CYS A 22 -3.33 -0.14 3.49
N CYS A 23 -4.26 0.49 2.78
CA CYS A 23 -5.64 0.02 2.74
C CYS A 23 -5.80 -1.09 1.71
N PRO A 24 -6.89 -1.86 1.84
CA PRO A 24 -7.18 -2.97 0.94
C PRO A 24 -7.57 -2.50 -0.46
N GLU A 25 -8.35 -1.42 -0.52
CA GLU A 25 -8.79 -0.87 -1.79
C GLU A 25 -7.63 -0.18 -2.52
N HIS A 26 -6.52 -0.02 -1.81
CA HIS A 26 -5.34 0.63 -2.38
C HIS A 26 -4.16 -0.34 -2.43
N HIS A 27 -3.14 0.02 -3.20
CA HIS A 27 -1.95 -0.82 -3.35
C HIS A 27 -0.69 0.04 -3.42
N CYS A 28 0.46 -0.61 -3.29
CA CYS A 28 1.74 0.08 -3.34
C CYS A 28 2.30 0.11 -4.76
N HIS A 29 2.17 1.25 -5.42
CA HIS A 29 2.66 1.39 -6.79
C HIS A 29 4.18 1.53 -6.81
N CYS A 30 4.84 0.61 -7.50
CA CYS A 30 6.29 0.62 -7.60
C CYS A 30 6.74 0.76 -9.05
N PRO A 31 6.67 1.98 -9.59
CA PRO A 31 7.06 2.27 -10.96
C PRO A 31 8.57 2.17 -11.18
N ALA A 32 9.02 2.50 -12.37
CA ALA A 32 10.44 2.46 -12.70
C ALA A 32 11.21 3.55 -11.95
N GLY A 33 12.47 3.73 -12.33
CA GLY A 33 13.29 4.74 -11.69
C GLY A 33 14.78 4.45 -11.83
N LYS A 34 15.55 5.49 -12.15
CA LYS A 34 17.00 5.34 -12.31
C LYS A 34 17.70 5.34 -10.96
N TRP A 35 19.02 5.49 -10.98
CA TRP A 35 19.81 5.51 -9.76
C TRP A 35 19.66 4.20 -8.99
N LEU A 36 20.65 3.33 -9.12
CA LEU A 36 20.62 2.05 -8.43
C LEU A 36 19.46 1.19 -8.92
N PRO A 37 19.62 -0.14 -8.84
CA PRO A 37 18.60 -1.09 -9.26
C PRO A 37 17.37 -1.08 -8.35
N GLY A 38 16.20 -0.85 -8.93
CA GLY A 38 14.98 -0.81 -8.15
C GLY A 38 15.12 0.02 -6.89
N LEU A 39 15.86 1.12 -6.99
CA LEU A 39 16.06 2.00 -5.84
C LEU A 39 14.86 2.91 -5.63
N PHE A 40 14.10 3.13 -6.69
CA PHE A 40 12.91 3.98 -6.62
C PHE A 40 12.01 3.57 -5.47
N ARG A 41 11.17 4.49 -5.01
CA ARG A 41 10.25 4.22 -3.92
C ARG A 41 8.84 3.95 -4.43
N CYS A 42 7.99 3.42 -3.57
CA CYS A 42 6.62 3.10 -3.94
C CYS A 42 5.64 4.05 -3.24
N THR A 43 4.45 4.21 -3.84
CA THR A 43 3.43 5.09 -3.29
C THR A 43 2.08 4.39 -3.24
N CYS A 44 1.31 4.66 -2.19
CA CYS A 44 0.00 4.06 -2.04
C CYS A 44 -1.05 4.79 -2.87
N GLN A 45 -1.74 4.05 -3.73
CA GLN A 45 -2.76 4.64 -4.59
C GLN A 45 -3.94 3.68 -4.76
N VAL A 46 -5.10 4.24 -5.12
CA VAL A 46 -6.30 3.44 -5.31
C VAL A 46 -6.03 2.27 -6.25
N THR A 47 -6.77 1.18 -6.06
CA THR A 47 -6.62 -0.02 -6.88
C THR A 47 -7.12 0.23 -8.30
N GLU A 48 -6.25 0.01 -9.28
CA GLU A 48 -6.61 0.20 -10.68
C GLU A 48 -6.57 -1.12 -11.44
N SER A 49 -5.48 -1.85 -11.29
CA SER A 49 -5.31 -3.13 -11.97
C SER A 49 -6.07 -4.24 -11.24
N ASP A 50 -5.80 -5.48 -11.62
CA ASP A 50 -6.46 -6.63 -10.99
C ASP A 50 -5.63 -7.15 -9.82
N LYS A 51 -5.13 -6.23 -9.00
CA LYS A 51 -4.33 -6.60 -7.84
C LYS A 51 -4.49 -5.57 -6.72
N VAL A 52 -4.70 -6.07 -5.50
CA VAL A 52 -4.87 -5.20 -4.34
C VAL A 52 -3.99 -5.65 -3.18
N ASN A 53 -4.01 -4.88 -2.10
CA ASN A 53 -3.21 -5.20 -0.93
C ASN A 53 -3.46 -6.64 -0.48
N LYS A 54 -2.38 -7.36 -0.21
CA LYS A 54 -2.47 -8.74 0.22
C LYS A 54 -3.40 -8.87 1.43
N CYS A 55 -3.48 -7.81 2.23
CA CYS A 55 -4.33 -7.81 3.41
C CYS A 55 -5.80 -7.90 3.02
N PRO A 56 -6.63 -8.41 3.95
CA PRO A 56 -8.07 -8.56 3.72
C PRO A 56 -8.79 -7.22 3.67
N PRO A 57 -10.06 -7.25 3.22
CA PRO A 57 -10.88 -6.04 3.12
C PRO A 57 -11.27 -5.49 4.49
N ALA A 58 -10.28 -5.27 5.35
CA ALA A 58 -10.52 -4.75 6.69
C ALA A 58 -11.56 -5.58 7.42
N GLU A 59 -11.18 -6.78 7.83
CA GLU A 59 -12.09 -7.68 8.54
C GLU A 59 -11.54 -8.01 9.92
N GLY A 1 -14.47 5.21 18.29
CA GLY A 1 -13.80 3.94 18.51
C GLY A 1 -14.49 2.80 17.80
N THR A 2 -14.46 2.82 16.47
CA THR A 2 -15.10 1.77 15.67
C THR A 2 -14.12 1.18 14.66
N PRO A 3 -13.16 0.37 15.16
CA PRO A 3 -12.16 -0.27 14.32
C PRO A 3 -12.75 -1.36 13.41
N VAL A 4 -12.06 -1.65 12.32
CA VAL A 4 -12.52 -2.66 11.38
C VAL A 4 -11.47 -2.92 10.30
N GLY A 5 -11.48 -4.15 9.77
CA GLY A 5 -10.52 -4.50 8.73
C GLY A 5 -9.11 -4.63 9.27
N ASN A 6 -8.49 -5.78 9.03
CA ASN A 6 -7.14 -6.03 9.50
C ASN A 6 -6.19 -4.91 9.06
N ASN A 7 -6.34 -4.47 7.82
CA ASN A 7 -5.51 -3.41 7.28
C ASN A 7 -5.62 -2.15 8.12
N LYS A 8 -4.51 -1.74 8.73
CA LYS A 8 -4.48 -0.55 9.57
C LYS A 8 -4.76 0.70 8.74
N CYS A 9 -4.49 0.62 7.44
CA CYS A 9 -4.71 1.76 6.54
C CYS A 9 -3.83 2.94 6.92
N TRP A 10 -2.61 2.95 6.41
CA TRP A 10 -1.66 4.02 6.69
C TRP A 10 -2.13 5.33 6.08
N ALA A 11 -1.26 6.35 6.13
CA ALA A 11 -1.60 7.65 5.58
C ALA A 11 -1.40 7.67 4.07
N ILE A 12 -2.42 8.12 3.35
CA ILE A 12 -2.37 8.19 1.89
C ILE A 12 -1.22 9.10 1.43
N GLY A 13 -0.33 8.55 0.62
CA GLY A 13 0.78 9.31 0.11
C GLY A 13 2.09 8.97 0.82
N THR A 14 1.98 8.33 1.98
CA THR A 14 3.15 7.95 2.75
C THR A 14 3.64 6.56 2.36
N THR A 15 4.80 6.18 2.88
CA THR A 15 5.38 4.88 2.58
C THR A 15 4.75 3.78 3.44
N CYS A 16 4.65 2.58 2.90
CA CYS A 16 4.07 1.45 3.61
C CYS A 16 5.16 0.63 4.30
N SER A 17 4.73 -0.30 5.14
CA SER A 17 5.66 -1.16 5.88
C SER A 17 5.11 -2.57 6.03
N ASP A 18 4.27 -2.97 5.07
CA ASP A 18 3.66 -4.30 5.10
C ASP A 18 2.87 -4.51 6.39
N ASP A 19 2.57 -5.77 6.69
CA ASP A 19 1.82 -6.11 7.88
C ASP A 19 0.46 -5.42 7.88
N CYS A 20 -0.21 -5.44 6.74
CA CYS A 20 -1.52 -4.83 6.61
C CYS A 20 -1.44 -3.33 6.86
N ASP A 21 -0.25 -2.77 6.75
CA ASP A 21 -0.04 -1.34 6.97
C ASP A 21 -1.01 -0.52 6.14
N CYS A 22 -0.98 -0.71 4.83
CA CYS A 22 -1.86 0.02 3.93
C CYS A 22 -3.22 -0.67 3.81
N CYS A 23 -4.16 -0.01 3.14
CA CYS A 23 -5.50 -0.56 2.97
C CYS A 23 -5.54 -1.53 1.80
N PRO A 24 -6.58 -2.37 1.75
CA PRO A 24 -6.77 -3.36 0.69
C PRO A 24 -7.11 -2.72 -0.64
N GLU A 25 -7.85 -1.61 -0.59
CA GLU A 25 -8.24 -0.90 -1.80
C GLU A 25 -7.07 -0.12 -2.38
N HIS A 26 -6.07 0.15 -1.55
CA HIS A 26 -4.89 0.89 -1.98
C HIS A 26 -3.67 -0.01 -2.02
N HIS A 27 -2.59 0.49 -2.62
CA HIS A 27 -1.35 -0.29 -2.74
C HIS A 27 -0.13 0.63 -2.58
N CYS A 28 1.05 0.04 -2.67
CA CYS A 28 2.29 0.80 -2.53
C CYS A 28 2.88 1.12 -3.90
N HIS A 29 2.61 2.34 -4.39
CA HIS A 29 3.11 2.77 -5.68
C HIS A 29 4.61 3.10 -5.61
N CYS A 30 5.40 2.30 -6.30
CA CYS A 30 6.85 2.50 -6.32
C CYS A 30 7.31 3.05 -7.65
N PRO A 31 8.50 3.67 -7.67
CA PRO A 31 9.08 4.26 -8.87
C PRO A 31 9.51 3.20 -9.88
N ALA A 32 10.15 3.63 -10.96
CA ALA A 32 10.62 2.73 -12.00
C ALA A 32 11.75 3.35 -12.81
N GLY A 33 12.36 2.56 -13.68
CA GLY A 33 13.45 3.05 -14.50
C GLY A 33 14.69 2.16 -14.41
N LYS A 34 15.45 2.11 -15.49
CA LYS A 34 16.67 1.30 -15.54
C LYS A 34 17.73 1.88 -14.62
N TRP A 35 18.90 1.26 -14.63
CA TRP A 35 20.02 1.72 -13.78
C TRP A 35 19.57 1.85 -12.33
N LEU A 36 19.67 0.76 -11.58
CA LEU A 36 19.28 0.77 -10.17
C LEU A 36 17.82 1.18 -10.01
N PRO A 37 16.90 0.28 -10.38
CA PRO A 37 15.46 0.52 -10.29
C PRO A 37 14.98 0.57 -8.85
N GLY A 38 13.76 1.07 -8.65
CA GLY A 38 13.19 1.16 -7.32
C GLY A 38 14.13 1.83 -6.34
N LEU A 39 14.90 2.79 -6.83
CA LEU A 39 15.85 3.53 -5.99
C LEU A 39 15.14 4.61 -5.18
N PHE A 40 14.13 5.23 -5.79
CA PHE A 40 13.36 6.28 -5.13
C PHE A 40 12.33 5.68 -4.18
N ARG A 41 11.90 6.49 -3.22
CA ARG A 41 10.91 6.04 -2.24
C ARG A 41 9.56 5.77 -2.91
N CYS A 42 8.65 5.16 -2.16
CA CYS A 42 7.33 4.84 -2.69
C CYS A 42 6.24 5.59 -1.90
N THR A 43 4.99 5.43 -2.34
CA THR A 43 3.87 6.07 -1.67
C THR A 43 2.60 5.25 -1.81
N CYS A 44 1.77 5.27 -0.77
CA CYS A 44 0.52 4.51 -0.78
C CYS A 44 -0.56 5.27 -1.55
N GLN A 45 -1.09 4.64 -2.59
CA GLN A 45 -2.13 5.24 -3.40
C GLN A 45 -3.21 4.21 -3.78
N VAL A 46 -4.44 4.69 -3.94
CA VAL A 46 -5.55 3.81 -4.30
C VAL A 46 -5.25 3.05 -5.59
N THR A 47 -5.77 1.83 -5.69
CA THR A 47 -5.57 1.01 -6.86
C THR A 47 -6.86 0.32 -7.30
N GLU A 48 -7.16 0.40 -8.59
CA GLU A 48 -8.36 -0.20 -9.13
C GLU A 48 -8.06 -1.54 -9.80
N SER A 49 -6.82 -1.69 -10.25
CA SER A 49 -6.39 -2.92 -10.92
C SER A 49 -6.48 -4.11 -9.97
N ASP A 50 -5.92 -5.24 -10.39
CA ASP A 50 -5.93 -6.45 -9.58
C ASP A 50 -4.59 -6.64 -8.87
N LYS A 51 -4.05 -5.55 -8.35
CA LYS A 51 -2.77 -5.59 -7.64
C LYS A 51 -2.85 -4.85 -6.30
N VAL A 52 -2.95 -5.62 -5.23
CA VAL A 52 -3.03 -5.04 -3.89
C VAL A 52 -2.22 -5.86 -2.89
N ASN A 53 -2.21 -5.41 -1.63
CA ASN A 53 -1.47 -6.09 -0.58
C ASN A 53 -2.02 -7.51 -0.37
N LYS A 54 -1.13 -8.42 0.01
CA LYS A 54 -1.52 -9.80 0.24
C LYS A 54 -2.62 -9.89 1.30
N CYS A 55 -2.72 -8.86 2.13
CA CYS A 55 -3.74 -8.82 3.18
C CYS A 55 -5.13 -8.90 2.59
N PRO A 56 -6.10 -9.37 3.40
CA PRO A 56 -7.49 -9.50 2.98
C PRO A 56 -8.18 -8.16 2.77
N PRO A 57 -9.36 -8.18 2.15
CA PRO A 57 -10.14 -6.98 1.88
C PRO A 57 -10.72 -6.35 3.15
N ALA A 58 -9.84 -6.11 4.13
CA ALA A 58 -10.26 -5.52 5.39
C ALA A 58 -11.39 -6.31 6.03
N GLU A 59 -11.11 -7.59 6.32
CA GLU A 59 -12.11 -8.46 6.93
C GLU A 59 -11.49 -9.29 8.04
N GLY A 1 -10.86 -1.63 21.28
CA GLY A 1 -12.02 -2.41 21.68
C GLY A 1 -12.69 -3.11 20.52
N THR A 2 -13.43 -2.34 19.72
CA THR A 2 -14.13 -2.88 18.56
C THR A 2 -13.71 -2.16 17.28
N PRO A 3 -12.45 -2.37 16.87
CA PRO A 3 -11.90 -1.75 15.66
C PRO A 3 -12.51 -2.33 14.39
N VAL A 4 -12.32 -1.63 13.28
CA VAL A 4 -12.86 -2.08 12.00
C VAL A 4 -11.77 -2.06 10.92
N GLY A 5 -11.89 -2.98 9.96
CA GLY A 5 -10.91 -3.05 8.88
C GLY A 5 -9.56 -3.54 9.35
N ASN A 6 -9.08 -4.62 8.75
CA ASN A 6 -7.79 -5.20 9.12
C ASN A 6 -6.65 -4.32 8.61
N ASN A 7 -6.75 -3.88 7.37
CA ASN A 7 -5.73 -3.04 6.76
C ASN A 7 -5.57 -1.73 7.53
N LYS A 8 -4.38 -1.49 8.05
CA LYS A 8 -4.10 -0.27 8.81
C LYS A 8 -4.47 0.96 8.00
N CYS A 9 -4.41 0.84 6.68
CA CYS A 9 -4.74 1.94 5.79
C CYS A 9 -3.83 3.14 6.05
N TRP A 10 -2.66 3.12 5.41
CA TRP A 10 -1.69 4.20 5.56
C TRP A 10 -2.06 5.40 4.70
N ALA A 11 -1.31 6.48 4.83
CA ALA A 11 -1.56 7.69 4.06
C ALA A 11 -0.98 7.56 2.65
N ILE A 12 -1.81 7.84 1.65
CA ILE A 12 -1.38 7.77 0.26
C ILE A 12 -0.22 8.71 -0.01
N GLY A 13 0.89 8.15 -0.49
CA GLY A 13 2.06 8.96 -0.78
C GLY A 13 3.16 8.78 0.24
N THR A 14 2.81 8.23 1.40
CA THR A 14 3.78 8.01 2.46
C THR A 14 4.29 6.57 2.44
N THR A 15 5.38 6.32 3.17
CA THR A 15 5.96 4.99 3.24
C THR A 15 5.00 3.99 3.88
N CYS A 16 5.34 2.72 3.82
CA CYS A 16 4.51 1.67 4.40
C CYS A 16 5.35 0.45 4.77
N SER A 17 4.93 -0.24 5.83
CA SER A 17 5.65 -1.42 6.29
C SER A 17 5.07 -2.69 5.68
N ASP A 18 4.07 -2.51 4.81
CA ASP A 18 3.43 -3.64 4.16
C ASP A 18 2.74 -4.54 5.17
N ASP A 19 2.41 -5.76 4.75
CA ASP A 19 1.75 -6.72 5.63
C ASP A 19 0.44 -6.15 6.16
N CYS A 20 -0.46 -5.78 5.24
CA CYS A 20 -1.75 -5.22 5.63
C CYS A 20 -1.59 -3.79 6.14
N ASP A 21 -0.39 -3.26 6.02
CA ASP A 21 -0.10 -1.90 6.47
C ASP A 21 -0.88 -0.88 5.64
N CYS A 22 -0.77 -1.00 4.32
CA CYS A 22 -1.46 -0.09 3.42
C CYS A 22 -2.93 -0.47 3.29
N CYS A 23 -3.71 0.43 2.70
CA CYS A 23 -5.14 0.20 2.51
C CYS A 23 -5.38 -1.08 1.70
N PRO A 24 -6.61 -1.61 1.79
CA PRO A 24 -6.99 -2.83 1.06
C PRO A 24 -7.08 -2.62 -0.44
N GLU A 25 -7.43 -1.40 -0.84
CA GLU A 25 -7.56 -1.07 -2.26
C GLU A 25 -6.35 -0.26 -2.73
N HIS A 26 -5.25 -0.35 -1.99
CA HIS A 26 -4.03 0.37 -2.32
C HIS A 26 -2.83 -0.57 -2.35
N HIS A 27 -1.66 -0.03 -2.65
CA HIS A 27 -0.43 -0.82 -2.71
C HIS A 27 0.78 0.01 -2.27
N CYS A 28 1.94 -0.62 -2.29
CA CYS A 28 3.18 0.05 -1.89
C CYS A 28 4.14 0.15 -3.07
N HIS A 29 4.20 1.33 -3.68
CA HIS A 29 5.09 1.56 -4.82
C HIS A 29 6.54 1.68 -4.35
N CYS A 30 7.38 0.77 -4.82
CA CYS A 30 8.80 0.78 -4.47
C CYS A 30 9.67 0.81 -5.71
N PRO A 31 10.94 1.22 -5.53
CA PRO A 31 11.91 1.30 -6.62
C PRO A 31 12.31 -0.07 -7.16
N ALA A 32 13.35 -0.10 -7.98
CA ALA A 32 13.83 -1.34 -8.56
C ALA A 32 15.36 -1.38 -8.59
N GLY A 33 15.91 -2.40 -9.24
CA GLY A 33 17.36 -2.52 -9.33
C GLY A 33 17.98 -1.44 -10.18
N LYS A 34 18.79 -1.83 -11.15
CA LYS A 34 19.45 -0.89 -12.04
C LYS A 34 18.45 0.04 -12.70
N TRP A 35 18.95 1.00 -13.46
CA TRP A 35 18.08 1.96 -14.15
C TRP A 35 17.29 2.80 -13.16
N LEU A 36 16.96 4.02 -13.55
CA LEU A 36 16.20 4.92 -12.69
C LEU A 36 17.01 5.30 -11.44
N PRO A 37 17.93 6.26 -11.60
CA PRO A 37 18.78 6.73 -10.51
C PRO A 37 18.00 7.51 -9.46
N GLY A 38 18.62 7.75 -8.31
CA GLY A 38 17.97 8.47 -7.24
C GLY A 38 16.69 7.81 -6.77
N LEU A 39 16.70 6.47 -6.74
CA LEU A 39 15.53 5.72 -6.32
C LEU A 39 15.03 6.20 -4.96
N PHE A 40 13.81 6.72 -4.94
CA PHE A 40 13.22 7.22 -3.70
C PHE A 40 12.66 6.07 -2.87
N ARG A 41 12.23 6.39 -1.64
CA ARG A 41 11.68 5.40 -0.74
C ARG A 41 10.35 4.85 -1.28
N CYS A 42 9.65 4.09 -0.46
CA CYS A 42 8.37 3.51 -0.84
C CYS A 42 7.22 4.47 -0.55
N THR A 43 6.14 4.35 -1.31
CA THR A 43 4.97 5.21 -1.13
C THR A 43 3.68 4.43 -1.35
N CYS A 44 2.65 4.75 -0.57
CA CYS A 44 1.36 4.09 -0.69
C CYS A 44 0.54 4.69 -1.83
N GLN A 45 0.34 3.91 -2.89
CA GLN A 45 -0.43 4.37 -4.03
C GLN A 45 -1.76 3.63 -4.13
N VAL A 46 -2.72 4.23 -4.81
CA VAL A 46 -4.04 3.63 -4.98
C VAL A 46 -4.00 2.51 -6.00
N THR A 47 -4.93 1.56 -5.87
CA THR A 47 -4.99 0.42 -6.78
C THR A 47 -6.24 0.51 -7.67
N GLU A 48 -6.02 0.84 -8.94
CA GLU A 48 -7.12 0.96 -9.89
C GLU A 48 -7.55 -0.42 -10.40
N SER A 49 -6.58 -1.30 -10.58
CA SER A 49 -6.86 -2.65 -11.06
C SER A 49 -7.36 -3.55 -9.93
N ASP A 50 -7.45 -4.84 -10.19
CA ASP A 50 -7.91 -5.80 -9.20
C ASP A 50 -6.73 -6.55 -8.59
N LYS A 51 -5.71 -5.81 -8.18
CA LYS A 51 -4.52 -6.41 -7.58
C LYS A 51 -4.09 -5.63 -6.34
N VAL A 52 -4.40 -6.17 -5.16
CA VAL A 52 -4.04 -5.53 -3.91
C VAL A 52 -3.56 -6.55 -2.88
N ASN A 53 -3.21 -6.06 -1.69
CA ASN A 53 -2.73 -6.94 -0.63
C ASN A 53 -3.70 -8.10 -0.39
N LYS A 54 -3.16 -9.25 -0.03
CA LYS A 54 -3.98 -10.43 0.21
C LYS A 54 -5.03 -10.15 1.28
N CYS A 55 -4.77 -9.15 2.12
CA CYS A 55 -5.69 -8.78 3.18
C CYS A 55 -7.07 -8.42 2.61
N PRO A 56 -8.11 -8.65 3.41
CA PRO A 56 -9.50 -8.37 3.00
C PRO A 56 -9.77 -6.87 2.89
N PRO A 57 -10.92 -6.53 2.30
CA PRO A 57 -11.33 -5.14 2.12
C PRO A 57 -11.71 -4.47 3.44
N ALA A 58 -12.16 -3.22 3.36
CA ALA A 58 -12.56 -2.47 4.55
C ALA A 58 -13.83 -1.66 4.28
N GLU A 59 -14.42 -1.13 5.35
CA GLU A 59 -15.63 -0.34 5.24
C GLU A 59 -16.71 -1.10 4.48
N GLY A 1 -8.73 3.58 16.84
CA GLY A 1 -8.54 2.27 17.43
C GLY A 1 -9.73 1.84 18.26
N THR A 2 -10.54 0.92 17.72
CA THR A 2 -11.71 0.42 18.42
C THR A 2 -12.39 -0.70 17.63
N PRO A 3 -12.85 -0.37 16.41
CA PRO A 3 -13.53 -1.33 15.55
C PRO A 3 -12.56 -2.39 15.00
N VAL A 4 -13.12 -3.45 14.43
CA VAL A 4 -12.32 -4.54 13.87
C VAL A 4 -11.80 -4.17 12.48
N GLY A 5 -10.53 -4.45 12.24
CA GLY A 5 -9.94 -4.14 10.95
C GLY A 5 -8.42 -4.17 10.99
N ASN A 6 -7.82 -4.91 10.06
CA ASN A 6 -6.37 -5.01 9.99
C ASN A 6 -5.77 -3.88 9.14
N ASN A 7 -6.43 -3.58 8.03
CA ASN A 7 -5.97 -2.52 7.14
C ASN A 7 -5.92 -1.18 7.86
N LYS A 8 -4.73 -0.60 7.96
CA LYS A 8 -4.56 0.68 8.63
C LYS A 8 -4.86 1.83 7.67
N CYS A 9 -4.67 1.60 6.39
CA CYS A 9 -4.93 2.61 5.37
C CYS A 9 -3.97 3.79 5.53
N TRP A 10 -2.80 3.69 4.91
CA TRP A 10 -1.79 4.74 4.98
C TRP A 10 -2.12 5.87 4.01
N ALA A 11 -1.24 6.87 3.95
CA ALA A 11 -1.44 8.00 3.06
C ALA A 11 -1.01 7.66 1.64
N ILE A 12 -1.91 7.87 0.68
CA ILE A 12 -1.62 7.58 -0.72
C ILE A 12 -0.43 8.39 -1.21
N GLY A 13 0.61 7.70 -1.64
CA GLY A 13 1.81 8.36 -2.13
C GLY A 13 3.01 8.14 -1.25
N THR A 14 2.75 7.70 -0.02
CA THR A 14 3.83 7.46 0.93
C THR A 14 4.24 5.98 0.93
N THR A 15 5.36 5.69 1.59
CA THR A 15 5.86 4.32 1.66
C THR A 15 5.00 3.46 2.58
N CYS A 16 5.10 2.14 2.43
CA CYS A 16 4.32 1.22 3.25
C CYS A 16 5.10 0.84 4.52
N SER A 17 4.37 0.69 5.62
CA SER A 17 4.98 0.34 6.89
C SER A 17 4.66 -1.11 7.26
N ASP A 18 4.34 -1.91 6.26
CA ASP A 18 4.02 -3.31 6.46
C ASP A 18 2.81 -3.47 7.37
N ASP A 19 2.53 -4.70 7.79
CA ASP A 19 1.39 -4.98 8.66
C ASP A 19 0.11 -4.40 8.07
N CYS A 20 -0.08 -4.60 6.77
CA CYS A 20 -1.27 -4.10 6.08
C CYS A 20 -1.50 -2.63 6.41
N ASP A 21 -0.42 -1.90 6.65
CA ASP A 21 -0.51 -0.48 6.96
C ASP A 21 -1.18 0.29 5.83
N CYS A 22 -1.11 -0.25 4.62
CA CYS A 22 -1.71 0.37 3.45
C CYS A 22 -3.20 0.06 3.36
N CYS A 23 -3.91 0.83 2.56
CA CYS A 23 -5.35 0.63 2.38
C CYS A 23 -5.64 -0.74 1.80
N PRO A 24 -6.86 -1.24 2.03
CA PRO A 24 -7.29 -2.55 1.52
C PRO A 24 -7.46 -2.57 0.01
N GLU A 25 -7.81 -1.41 -0.55
CA GLU A 25 -8.01 -1.30 -1.99
C GLU A 25 -6.82 -0.59 -2.65
N HIS A 26 -5.65 -0.72 -2.03
CA HIS A 26 -4.44 -0.10 -2.56
C HIS A 26 -3.30 -1.11 -2.63
N HIS A 27 -2.12 -0.63 -3.03
CA HIS A 27 -0.95 -1.50 -3.14
C HIS A 27 0.34 -0.68 -3.04
N CYS A 28 1.46 -1.38 -2.91
CA CYS A 28 2.77 -0.72 -2.81
C CYS A 28 3.47 -0.67 -4.16
N HIS A 29 3.37 0.47 -4.84
CA HIS A 29 4.00 0.65 -6.14
C HIS A 29 5.50 0.83 -5.99
N CYS A 30 6.26 -0.12 -6.54
CA CYS A 30 7.72 -0.06 -6.47
C CYS A 30 8.32 0.11 -7.86
N PRO A 31 8.19 1.32 -8.41
CA PRO A 31 8.72 1.65 -9.74
C PRO A 31 10.24 1.68 -9.77
N ALA A 32 10.80 2.06 -10.92
CA ALA A 32 12.24 2.14 -11.08
C ALA A 32 12.73 3.59 -10.93
N GLY A 33 14.03 3.74 -10.67
CA GLY A 33 14.60 5.08 -10.53
C GLY A 33 15.82 5.28 -11.39
N LYS A 34 15.78 6.29 -12.25
CA LYS A 34 16.88 6.59 -13.14
C LYS A 34 18.18 6.81 -12.34
N TRP A 35 19.30 6.84 -13.05
CA TRP A 35 20.60 7.04 -12.41
C TRP A 35 20.79 6.05 -11.26
N LEU A 36 21.33 4.88 -11.56
CA LEU A 36 21.56 3.85 -10.55
C LEU A 36 20.26 3.44 -9.89
N PRO A 37 19.44 2.68 -10.61
CA PRO A 37 18.15 2.19 -10.11
C PRO A 37 18.31 1.15 -9.00
N GLY A 38 17.70 1.40 -7.85
CA GLY A 38 17.79 0.48 -6.74
C GLY A 38 17.48 1.13 -5.41
N LEU A 39 17.87 2.40 -5.27
CA LEU A 39 17.63 3.14 -4.04
C LEU A 39 16.19 3.65 -3.98
N PHE A 40 15.53 3.68 -5.14
CA PHE A 40 14.15 4.15 -5.21
C PHE A 40 13.28 3.43 -4.19
N ARG A 41 12.28 4.14 -3.67
CA ARG A 41 11.37 3.57 -2.69
C ARG A 41 10.02 3.26 -3.31
N CYS A 42 9.08 2.79 -2.49
CA CYS A 42 7.74 2.46 -2.96
C CYS A 42 6.71 3.42 -2.39
N THR A 43 5.56 3.52 -3.06
CA THR A 43 4.49 4.41 -2.62
C THR A 43 3.14 3.71 -2.70
N CYS A 44 2.24 4.08 -1.79
CA CYS A 44 0.90 3.49 -1.75
C CYS A 44 0.00 4.13 -2.79
N GLN A 45 -0.53 3.31 -3.70
CA GLN A 45 -1.41 3.80 -4.75
C GLN A 45 -2.71 3.00 -4.78
N VAL A 46 -3.73 3.56 -5.43
CA VAL A 46 -5.02 2.90 -5.53
C VAL A 46 -4.93 1.63 -6.38
N THR A 47 -5.83 0.70 -6.13
CA THR A 47 -5.85 -0.56 -6.87
C THR A 47 -7.29 -0.99 -7.17
N GLU A 48 -7.54 -1.35 -8.43
CA GLU A 48 -8.87 -1.79 -8.85
C GLU A 48 -8.84 -3.25 -9.29
N SER A 49 -7.71 -3.67 -9.86
CA SER A 49 -7.56 -5.05 -10.33
C SER A 49 -7.69 -6.03 -9.18
N ASP A 50 -7.37 -7.29 -9.45
CA ASP A 50 -7.45 -8.33 -8.43
C ASP A 50 -6.15 -8.44 -7.64
N LYS A 51 -5.25 -7.48 -7.87
CA LYS A 51 -3.97 -7.46 -7.19
C LYS A 51 -4.00 -6.51 -5.99
N VAL A 52 -5.20 -6.24 -5.50
CA VAL A 52 -5.37 -5.34 -4.36
C VAL A 52 -4.84 -5.98 -3.08
N ASN A 53 -5.05 -5.30 -1.95
CA ASN A 53 -4.59 -5.79 -0.66
C ASN A 53 -5.30 -7.10 -0.31
N LYS A 54 -4.52 -8.17 -0.18
CA LYS A 54 -5.07 -9.48 0.16
C LYS A 54 -5.78 -9.44 1.51
N CYS A 55 -5.45 -8.43 2.31
CA CYS A 55 -6.05 -8.28 3.64
C CYS A 55 -7.58 -8.29 3.54
N PRO A 56 -8.23 -8.80 4.60
CA PRO A 56 -9.69 -8.87 4.66
C PRO A 56 -10.34 -7.50 4.79
N PRO A 57 -11.67 -7.44 4.61
CA PRO A 57 -12.44 -6.20 4.71
C PRO A 57 -12.53 -5.68 6.14
N ALA A 58 -13.26 -4.60 6.32
CA ALA A 58 -13.42 -4.00 7.64
C ALA A 58 -14.87 -3.59 7.89
N GLU A 59 -15.67 -4.55 8.38
CA GLU A 59 -17.08 -4.28 8.66
C GLU A 59 -17.48 -4.86 10.01
N GLY A 1 -20.57 4.10 15.03
CA GLY A 1 -20.51 3.72 13.62
C GLY A 1 -20.24 2.23 13.44
N THR A 2 -19.01 1.91 13.03
CA THR A 2 -18.62 0.52 12.81
C THR A 2 -17.16 0.29 13.17
N PRO A 3 -16.80 -0.98 13.42
CA PRO A 3 -15.44 -1.35 13.78
C PRO A 3 -14.47 -1.20 12.60
N VAL A 4 -13.17 -1.21 12.91
CA VAL A 4 -12.15 -1.08 11.88
C VAL A 4 -11.46 -2.41 11.61
N GLY A 5 -11.12 -2.67 10.35
CA GLY A 5 -10.46 -3.90 9.98
C GLY A 5 -9.08 -4.01 10.57
N ASN A 6 -8.19 -4.71 9.87
CA ASN A 6 -6.81 -4.90 10.33
C ASN A 6 -5.87 -3.92 9.63
N ASN A 7 -6.11 -3.69 8.34
CA ASN A 7 -5.28 -2.78 7.57
C ASN A 7 -5.16 -1.43 8.26
N LYS A 8 -3.93 -1.08 8.64
CA LYS A 8 -3.67 0.19 9.31
C LYS A 8 -3.81 1.37 8.34
N CYS A 9 -3.71 1.07 7.05
CA CYS A 9 -3.82 2.09 6.02
C CYS A 9 -2.89 3.26 6.32
N TRP A 10 -1.61 3.09 6.05
CA TRP A 10 -0.62 4.14 6.29
C TRP A 10 -0.89 5.35 5.40
N ALA A 11 -0.32 6.50 5.79
CA ALA A 11 -0.50 7.72 5.04
C ALA A 11 -0.19 7.52 3.55
N ILE A 12 -1.14 7.89 2.70
CA ILE A 12 -0.96 7.74 1.26
C ILE A 12 0.24 8.54 0.77
N GLY A 13 1.20 7.84 0.17
CA GLY A 13 2.39 8.50 -0.34
C GLY A 13 3.62 8.19 0.49
N THR A 14 3.42 7.57 1.64
CA THR A 14 4.52 7.22 2.52
C THR A 14 4.99 5.79 2.27
N THR A 15 6.07 5.39 2.95
CA THR A 15 6.61 4.05 2.80
C THR A 15 5.84 3.03 3.63
N CYS A 16 5.58 1.87 3.04
CA CYS A 16 4.84 0.82 3.74
C CYS A 16 5.78 -0.10 4.49
N SER A 17 5.21 -1.07 5.20
CA SER A 17 6.01 -2.02 5.97
C SER A 17 5.30 -3.37 6.07
N ASP A 18 4.42 -3.63 5.13
CA ASP A 18 3.67 -4.89 5.11
C ASP A 18 2.87 -5.07 6.38
N ASP A 19 2.42 -6.30 6.62
CA ASP A 19 1.65 -6.60 7.82
C ASP A 19 0.39 -5.72 7.89
N CYS A 20 -0.33 -5.65 6.78
CA CYS A 20 -1.55 -4.84 6.72
C CYS A 20 -1.23 -3.36 6.91
N ASP A 21 0.03 -3.00 6.71
CA ASP A 21 0.46 -1.62 6.85
C ASP A 21 -0.44 -0.67 6.06
N CYS A 22 -0.62 -0.98 4.79
CA CYS A 22 -1.46 -0.16 3.92
C CYS A 22 -2.87 -0.75 3.81
N CYS A 23 -3.77 0.00 3.18
CA CYS A 23 -5.14 -0.44 3.01
C CYS A 23 -5.23 -1.61 2.03
N PRO A 24 -6.35 -2.34 2.07
CA PRO A 24 -6.59 -3.49 1.19
C PRO A 24 -6.78 -3.08 -0.26
N GLU A 25 -7.31 -1.88 -0.47
CA GLU A 25 -7.54 -1.38 -1.82
C GLU A 25 -6.29 -0.68 -2.37
N HIS A 26 -5.39 -0.30 -1.47
CA HIS A 26 -4.16 0.38 -1.86
C HIS A 26 -3.02 -0.64 -2.00
N HIS A 27 -1.81 -0.12 -2.24
CA HIS A 27 -0.64 -0.97 -2.39
C HIS A 27 0.65 -0.15 -2.29
N CYS A 28 1.79 -0.82 -2.45
CA CYS A 28 3.08 -0.16 -2.36
C CYS A 28 3.66 0.09 -3.75
N HIS A 29 3.52 1.31 -4.24
CA HIS A 29 4.03 1.68 -5.56
C HIS A 29 5.54 1.84 -5.53
N CYS A 30 6.23 1.19 -6.46
CA CYS A 30 7.68 1.26 -6.54
C CYS A 30 8.16 0.86 -7.93
N PRO A 31 7.86 1.71 -8.93
CA PRO A 31 8.26 1.45 -10.32
C PRO A 31 9.76 1.61 -10.53
N ALA A 32 10.19 1.50 -11.78
CA ALA A 32 11.61 1.63 -12.11
C ALA A 32 11.91 3.01 -12.66
N GLY A 33 13.13 3.50 -12.42
CA GLY A 33 13.52 4.80 -12.90
C GLY A 33 14.86 4.78 -13.62
N LYS A 34 14.92 5.44 -14.77
CA LYS A 34 16.15 5.49 -15.56
C LYS A 34 17.32 5.99 -14.72
N TRP A 35 18.53 5.71 -15.17
CA TRP A 35 19.73 6.13 -14.46
C TRP A 35 19.68 5.71 -13.00
N LEU A 36 20.18 4.51 -12.71
CA LEU A 36 20.19 3.99 -11.35
C LEU A 36 18.77 3.87 -10.80
N PRO A 37 18.05 2.84 -11.28
CA PRO A 37 16.67 2.58 -10.85
C PRO A 37 16.59 2.11 -9.40
N GLY A 38 15.38 2.11 -8.85
CA GLY A 38 15.19 1.66 -7.47
C GLY A 38 16.11 2.37 -6.51
N LEU A 39 16.46 3.62 -6.83
CA LEU A 39 17.34 4.41 -5.97
C LEU A 39 16.57 5.01 -4.80
N PHE A 40 15.42 5.59 -5.10
CA PHE A 40 14.59 6.21 -4.06
C PHE A 40 13.77 5.15 -3.33
N ARG A 41 12.83 5.61 -2.51
CA ARG A 41 11.98 4.69 -1.75
C ARG A 41 10.62 4.55 -2.40
N CYS A 42 9.81 3.63 -1.89
CA CYS A 42 8.48 3.38 -2.42
C CYS A 42 7.45 4.28 -1.74
N THR A 43 6.20 4.20 -2.20
CA THR A 43 5.13 5.01 -1.65
C THR A 43 3.78 4.30 -1.77
N CYS A 44 2.94 4.48 -0.77
CA CYS A 44 1.61 3.86 -0.77
C CYS A 44 0.65 4.61 -1.66
N GLN A 45 -0.07 3.89 -2.51
CA GLN A 45 -1.03 4.49 -3.42
C GLN A 45 -2.24 3.59 -3.63
N VAL A 46 -3.40 4.20 -3.86
CA VAL A 46 -4.63 3.45 -4.07
C VAL A 46 -4.53 2.59 -5.33
N THR A 47 -5.23 1.46 -5.31
CA THR A 47 -5.22 0.54 -6.44
C THR A 47 -6.63 0.38 -7.03
N GLU A 48 -6.70 0.01 -8.30
CA GLU A 48 -7.98 -0.17 -8.97
C GLU A 48 -8.63 -1.49 -8.53
N SER A 49 -7.90 -2.58 -8.69
CA SER A 49 -8.41 -3.90 -8.31
C SER A 49 -8.69 -3.97 -6.82
N ASP A 50 -9.66 -4.80 -6.44
CA ASP A 50 -10.03 -4.96 -5.04
C ASP A 50 -9.54 -6.30 -4.50
N LYS A 51 -8.43 -6.79 -5.06
CA LYS A 51 -7.86 -8.07 -4.63
C LYS A 51 -6.36 -7.95 -4.44
N VAL A 52 -5.89 -6.73 -4.24
CA VAL A 52 -4.46 -6.49 -4.04
C VAL A 52 -4.08 -6.55 -2.57
N ASN A 53 -2.80 -6.38 -2.28
CA ASN A 53 -2.30 -6.43 -0.91
C ASN A 53 -2.50 -7.81 -0.30
N LYS A 54 -1.42 -8.37 0.25
CA LYS A 54 -1.47 -9.69 0.86
C LYS A 54 -2.62 -9.78 1.86
N CYS A 55 -2.89 -8.68 2.56
CA CYS A 55 -3.96 -8.64 3.55
C CYS A 55 -5.32 -8.69 2.87
N PRO A 56 -6.32 -9.21 3.61
CA PRO A 56 -7.69 -9.32 3.10
C PRO A 56 -8.37 -7.97 2.94
N PRO A 57 -9.52 -7.96 2.25
CA PRO A 57 -10.30 -6.73 2.01
C PRO A 57 -10.94 -6.20 3.29
N ALA A 58 -11.75 -5.17 3.14
CA ALA A 58 -12.44 -4.57 4.28
C ALA A 58 -13.47 -3.54 3.82
N GLU A 59 -14.75 -3.85 4.05
CA GLU A 59 -15.83 -2.96 3.65
C GLU A 59 -16.12 -1.94 4.75
N GLY A 1 -18.21 7.20 13.27
CA GLY A 1 -17.25 6.20 13.67
C GLY A 1 -17.27 4.98 12.77
N THR A 2 -16.10 4.40 12.53
CA THR A 2 -15.98 3.23 11.67
C THR A 2 -15.09 2.16 12.32
N PRO A 3 -15.41 0.89 12.05
CA PRO A 3 -14.66 -0.24 12.60
C PRO A 3 -13.27 -0.36 11.99
N VAL A 4 -12.44 -1.23 12.59
CA VAL A 4 -11.08 -1.43 12.10
C VAL A 4 -10.82 -2.90 11.79
N GLY A 5 -10.62 -3.19 10.51
CA GLY A 5 -10.37 -4.56 10.09
C GLY A 5 -8.98 -5.03 10.48
N ASN A 6 -8.28 -5.65 9.52
CA ASN A 6 -6.94 -6.16 9.76
C ASN A 6 -5.89 -5.15 9.31
N ASN A 7 -6.04 -4.65 8.08
CA ASN A 7 -5.11 -3.68 7.53
C ASN A 7 -4.97 -2.47 8.46
N LYS A 8 -3.74 -2.01 8.63
CA LYS A 8 -3.47 -0.86 9.49
C LYS A 8 -3.88 0.44 8.80
N CYS A 9 -3.84 0.45 7.47
CA CYS A 9 -4.20 1.62 6.70
C CYS A 9 -3.25 2.77 6.97
N TRP A 10 -2.17 2.83 6.20
CA TRP A 10 -1.17 3.88 6.37
C TRP A 10 -1.63 5.17 5.69
N ALA A 11 -0.78 6.19 5.73
CA ALA A 11 -1.09 7.48 5.12
C ALA A 11 -0.82 7.45 3.62
N ILE A 12 -1.82 7.83 2.84
CA ILE A 12 -1.69 7.84 1.38
C ILE A 12 -0.58 8.78 0.95
N GLY A 13 0.40 8.24 0.23
CA GLY A 13 1.51 9.04 -0.23
C GLY A 13 2.81 8.71 0.46
N THR A 14 2.71 8.11 1.65
CA THR A 14 3.88 7.73 2.42
C THR A 14 4.30 6.30 2.12
N THR A 15 5.52 5.95 2.51
CA THR A 15 6.04 4.61 2.29
C THR A 15 5.27 3.57 3.09
N CYS A 16 5.18 2.35 2.55
CA CYS A 16 4.46 1.28 3.22
C CYS A 16 5.39 0.49 4.14
N SER A 17 4.84 -0.01 5.24
CA SER A 17 5.62 -0.77 6.21
C SER A 17 5.29 -2.26 6.11
N ASP A 18 4.75 -2.67 4.97
CA ASP A 18 4.39 -4.06 4.74
C ASP A 18 3.53 -4.59 5.89
N ASP A 19 3.38 -5.91 5.95
CA ASP A 19 2.58 -6.54 6.99
C ASP A 19 1.14 -6.02 6.97
N CYS A 20 0.62 -5.80 5.77
CA CYS A 20 -0.74 -5.31 5.60
C CYS A 20 -0.92 -3.99 6.33
N ASP A 21 0.17 -3.24 6.50
CA ASP A 21 0.13 -1.96 7.18
C ASP A 21 -0.57 -0.90 6.32
N CYS A 22 -0.65 -1.17 5.01
CA CYS A 22 -1.28 -0.25 4.08
C CYS A 22 -2.77 -0.55 3.95
N CYS A 23 -3.53 0.41 3.44
CA CYS A 23 -4.97 0.24 3.25
C CYS A 23 -5.27 -0.90 2.30
N PRO A 24 -6.49 -1.44 2.39
CA PRO A 24 -6.93 -2.55 1.54
C PRO A 24 -7.12 -2.14 0.08
N GLU A 25 -7.83 -1.04 -0.12
CA GLU A 25 -8.08 -0.54 -1.47
C GLU A 25 -6.81 0.06 -2.07
N HIS A 26 -5.81 0.29 -1.22
CA HIS A 26 -4.54 0.85 -1.67
C HIS A 26 -3.43 -0.18 -1.60
N HIS A 27 -2.26 0.18 -2.10
CA HIS A 27 -1.11 -0.74 -2.09
C HIS A 27 0.20 0.04 -2.16
N CYS A 28 1.31 -0.68 -2.17
CA CYS A 28 2.63 -0.06 -2.23
C CYS A 28 3.03 0.23 -3.67
N HIS A 29 3.43 1.47 -3.94
CA HIS A 29 3.84 1.88 -5.28
C HIS A 29 5.33 2.14 -5.33
N CYS A 30 6.07 1.28 -6.02
CA CYS A 30 7.51 1.42 -6.15
C CYS A 30 7.90 1.76 -7.58
N PRO A 31 9.05 2.41 -7.73
CA PRO A 31 9.57 2.81 -9.05
C PRO A 31 10.02 1.62 -9.88
N ALA A 32 10.57 1.90 -11.06
CA ALA A 32 11.05 0.85 -11.95
C ALA A 32 12.56 0.68 -11.84
N GLY A 33 13.12 -0.18 -12.68
CA GLY A 33 14.55 -0.42 -12.67
C GLY A 33 15.26 0.32 -13.78
N LYS A 34 14.51 1.09 -14.56
CA LYS A 34 15.09 1.85 -15.66
C LYS A 34 15.72 3.14 -15.17
N TRP A 35 16.89 3.48 -15.71
CA TRP A 35 17.60 4.68 -15.32
C TRP A 35 17.91 4.68 -13.83
N LEU A 36 19.13 4.30 -13.48
CA LEU A 36 19.55 4.25 -12.08
C LEU A 36 18.75 3.21 -11.32
N PRO A 37 19.28 2.79 -10.15
CA PRO A 37 18.64 1.80 -9.29
C PRO A 37 17.37 2.33 -8.63
N GLY A 38 16.58 1.43 -8.06
CA GLY A 38 15.36 1.84 -7.40
C GLY A 38 15.55 2.09 -5.92
N LEU A 39 16.72 2.59 -5.56
CA LEU A 39 17.03 2.88 -4.16
C LEU A 39 15.96 3.75 -3.53
N PHE A 40 15.30 4.56 -4.35
CA PHE A 40 14.23 5.44 -3.88
C PHE A 40 13.22 4.67 -3.04
N ARG A 41 12.37 5.40 -2.33
CA ARG A 41 11.35 4.79 -1.49
C ARG A 41 10.03 4.67 -2.24
N CYS A 42 9.11 3.88 -1.68
CA CYS A 42 7.80 3.68 -2.30
C CYS A 42 6.74 4.54 -1.61
N THR A 43 5.52 4.52 -2.15
CA THR A 43 4.42 5.29 -1.60
C THR A 43 3.11 4.53 -1.70
N CYS A 44 2.26 4.68 -0.68
CA CYS A 44 0.97 4.00 -0.65
C CYS A 44 -0.05 4.74 -1.51
N GLN A 45 -0.52 4.08 -2.56
CA GLN A 45 -1.50 4.69 -3.46
C GLN A 45 -2.61 3.69 -3.80
N VAL A 46 -3.67 4.19 -4.41
CA VAL A 46 -4.81 3.35 -4.79
C VAL A 46 -4.34 2.13 -5.57
N THR A 47 -5.11 1.04 -5.50
CA THR A 47 -4.78 -0.19 -6.21
C THR A 47 -5.12 -0.07 -7.69
N GLU A 48 -4.16 0.43 -8.48
CA GLU A 48 -4.37 0.58 -9.91
C GLU A 48 -4.50 -0.78 -10.59
N SER A 49 -3.62 -1.71 -10.22
CA SER A 49 -3.64 -3.05 -10.81
C SER A 49 -4.99 -3.71 -10.58
N ASP A 50 -5.12 -4.94 -11.06
CA ASP A 50 -6.36 -5.71 -10.91
C ASP A 50 -6.39 -6.44 -9.57
N LYS A 51 -5.21 -6.60 -8.97
CA LYS A 51 -5.10 -7.30 -7.69
C LYS A 51 -4.87 -6.29 -6.56
N VAL A 52 -5.90 -6.07 -5.75
CA VAL A 52 -5.80 -5.13 -4.63
C VAL A 52 -4.99 -5.74 -3.49
N ASN A 53 -4.97 -5.05 -2.35
CA ASN A 53 -4.23 -5.50 -1.19
C ASN A 53 -4.59 -6.96 -0.86
N LYS A 54 -3.57 -7.76 -0.60
CA LYS A 54 -3.77 -9.17 -0.27
C LYS A 54 -4.73 -9.32 0.90
N CYS A 55 -4.80 -8.29 1.75
CA CYS A 55 -5.67 -8.31 2.92
C CYS A 55 -7.14 -8.23 2.49
N PRO A 56 -8.03 -8.70 3.37
CA PRO A 56 -9.48 -8.69 3.11
C PRO A 56 -10.06 -7.29 3.13
N PRO A 57 -11.31 -7.16 2.64
CA PRO A 57 -12.01 -5.88 2.59
C PRO A 57 -12.37 -5.35 3.98
N ALA A 58 -11.40 -5.32 4.88
CA ALA A 58 -11.62 -4.85 6.24
C ALA A 58 -12.80 -5.56 6.88
N GLU A 59 -13.22 -5.07 8.04
CA GLU A 59 -14.35 -5.65 8.75
C GLU A 59 -15.63 -4.87 8.48
N GLY A 1 -1.96 -8.39 15.97
CA GLY A 1 -2.05 -9.48 15.03
C GLY A 1 -2.20 -9.00 13.60
N THR A 2 -3.23 -9.49 12.91
CA THR A 2 -3.48 -9.10 11.53
C THR A 2 -4.93 -8.69 11.33
N PRO A 3 -5.28 -7.49 11.83
CA PRO A 3 -6.64 -6.95 11.72
C PRO A 3 -6.99 -6.57 10.28
N VAL A 4 -8.27 -6.27 10.05
CA VAL A 4 -8.74 -5.88 8.73
C VAL A 4 -9.87 -4.86 8.82
N GLY A 5 -9.92 -3.96 7.85
CA GLY A 5 -10.96 -2.94 7.84
C GLY A 5 -10.53 -1.68 8.55
N ASN A 6 -9.90 -1.84 9.71
CA ASN A 6 -9.45 -0.69 10.50
C ASN A 6 -8.06 -0.25 10.06
N ASN A 7 -7.78 -0.37 8.76
CA ASN A 7 -6.49 0.02 8.22
C ASN A 7 -6.07 1.40 8.73
N LYS A 8 -4.79 1.55 9.03
CA LYS A 8 -4.25 2.81 9.52
C LYS A 8 -4.44 3.92 8.49
N CYS A 9 -4.48 3.54 7.22
CA CYS A 9 -4.65 4.49 6.13
C CYS A 9 -3.53 5.53 6.15
N TRP A 10 -2.40 5.16 5.55
CA TRP A 10 -1.24 6.06 5.50
C TRP A 10 -1.50 7.21 4.52
N ALA A 11 -0.49 8.06 4.35
CA ALA A 11 -0.61 9.21 3.45
C ALA A 11 -0.38 8.78 1.99
N ILE A 12 -1.32 9.16 1.13
CA ILE A 12 -1.22 8.82 -0.29
C ILE A 12 0.08 9.36 -0.90
N GLY A 13 0.88 8.46 -1.44
CA GLY A 13 2.14 8.87 -2.05
C GLY A 13 3.35 8.44 -1.24
N THR A 14 3.12 8.10 0.02
CA THR A 14 4.20 7.67 0.91
C THR A 14 4.37 6.16 0.87
N THR A 15 5.43 5.67 1.52
CA THR A 15 5.71 4.24 1.56
C THR A 15 4.86 3.54 2.62
N CYS A 16 4.46 2.31 2.32
CA CYS A 16 3.64 1.54 3.25
C CYS A 16 4.51 0.72 4.18
N SER A 17 3.87 0.05 5.14
CA SER A 17 4.60 -0.78 6.10
C SER A 17 3.82 -2.03 6.45
N ASP A 18 2.95 -2.45 5.53
CA ASP A 18 2.13 -3.64 5.73
C ASP A 18 1.36 -3.57 7.04
N ASP A 19 0.84 -4.70 7.48
CA ASP A 19 0.09 -4.76 8.73
C ASP A 19 -1.15 -3.87 8.67
N CYS A 20 -1.79 -3.82 7.50
CA CYS A 20 -2.97 -3.01 7.31
C CYS A 20 -2.65 -1.52 7.47
N ASP A 21 -1.37 -1.20 7.34
CA ASP A 21 -0.92 0.19 7.47
C ASP A 21 -1.65 1.09 6.48
N CYS A 22 -1.70 0.65 5.22
CA CYS A 22 -2.37 1.42 4.18
C CYS A 22 -3.83 0.99 4.03
N CYS A 23 -4.69 1.95 3.68
CA CYS A 23 -6.11 1.68 3.52
C CYS A 23 -6.33 0.53 2.53
N PRO A 24 -7.52 -0.07 2.59
CA PRO A 24 -7.89 -1.19 1.71
C PRO A 24 -8.07 -0.75 0.27
N GLU A 25 -8.83 0.32 0.06
CA GLU A 25 -9.08 0.84 -1.27
C GLU A 25 -7.77 1.16 -1.99
N HIS A 26 -6.73 1.41 -1.21
CA HIS A 26 -5.41 1.73 -1.77
C HIS A 26 -4.49 0.53 -1.68
N HIS A 27 -3.24 0.72 -2.13
CA HIS A 27 -2.25 -0.35 -2.11
C HIS A 27 -0.85 0.20 -2.31
N CYS A 28 0.16 -0.67 -2.20
CA CYS A 28 1.53 -0.26 -2.37
C CYS A 28 1.97 -0.38 -3.83
N HIS A 29 2.37 0.74 -4.41
CA HIS A 29 2.80 0.76 -5.81
C HIS A 29 4.32 0.75 -5.90
N CYS A 30 4.88 -0.33 -6.45
CA CYS A 30 6.32 -0.46 -6.60
C CYS A 30 6.72 -0.44 -8.08
N PRO A 31 6.70 0.75 -8.68
CA PRO A 31 7.06 0.93 -10.09
C PRO A 31 8.55 0.72 -10.34
N ALA A 32 8.98 1.00 -11.56
CA ALA A 32 10.39 0.84 -11.93
C ALA A 32 10.85 2.00 -12.82
N GLY A 33 12.04 1.85 -13.40
CA GLY A 33 12.58 2.88 -14.25
C GLY A 33 14.09 2.76 -14.43
N LYS A 34 14.66 3.63 -15.27
CA LYS A 34 16.09 3.62 -15.52
C LYS A 34 16.86 4.03 -14.26
N TRP A 35 17.99 3.36 -14.02
CA TRP A 35 18.82 3.65 -12.87
C TRP A 35 18.05 3.39 -11.57
N LEU A 36 17.27 4.36 -11.14
CA LEU A 36 16.48 4.23 -9.92
C LEU A 36 17.39 4.07 -8.70
N PRO A 37 16.84 4.34 -7.51
CA PRO A 37 17.58 4.22 -6.25
C PRO A 37 17.89 2.77 -5.89
N GLY A 38 18.98 2.57 -5.14
CA GLY A 38 19.36 1.24 -4.75
C GLY A 38 18.23 0.48 -4.08
N LEU A 39 17.71 1.04 -2.99
CA LEU A 39 16.61 0.40 -2.26
C LEU A 39 15.27 0.69 -2.93
N PHE A 40 14.64 -0.36 -3.44
CA PHE A 40 13.35 -0.24 -4.11
C PHE A 40 12.30 0.33 -3.16
N ARG A 41 11.71 1.46 -3.54
CA ARG A 41 10.68 2.09 -2.72
C ARG A 41 9.32 1.97 -3.37
N CYS A 42 8.27 2.23 -2.59
CA CYS A 42 6.90 2.15 -3.09
C CYS A 42 6.05 3.29 -2.54
N THR A 43 4.94 3.58 -3.22
CA THR A 43 4.04 4.64 -2.80
C THR A 43 2.61 4.15 -2.69
N CYS A 44 1.88 4.66 -1.71
CA CYS A 44 0.49 4.26 -1.49
C CYS A 44 -0.43 5.00 -2.46
N GLN A 45 -1.14 4.23 -3.28
CA GLN A 45 -2.07 4.81 -4.25
C GLN A 45 -3.35 3.97 -4.35
N VAL A 46 -4.35 4.53 -5.00
CA VAL A 46 -5.63 3.84 -5.17
C VAL A 46 -5.44 2.51 -5.91
N THR A 47 -6.35 1.58 -5.66
CA THR A 47 -6.29 0.26 -6.30
C THR A 47 -6.60 0.36 -7.79
N GLU A 48 -5.59 0.69 -8.58
CA GLU A 48 -5.76 0.82 -10.02
C GLU A 48 -4.93 -0.23 -10.75
N SER A 49 -3.70 -0.43 -10.30
CA SER A 49 -2.81 -1.40 -10.92
C SER A 49 -3.33 -2.82 -10.74
N ASP A 50 -2.49 -3.80 -11.07
CA ASP A 50 -2.87 -5.20 -10.95
C ASP A 50 -2.46 -5.76 -9.59
N LYS A 51 -2.70 -4.99 -8.54
CA LYS A 51 -2.36 -5.40 -7.19
C LYS A 51 -3.33 -4.82 -6.17
N VAL A 52 -3.80 -5.66 -5.25
CA VAL A 52 -4.74 -5.23 -4.22
C VAL A 52 -4.15 -5.42 -2.83
N ASN A 53 -4.51 -4.52 -1.92
CA ASN A 53 -4.02 -4.59 -0.55
C ASN A 53 -4.25 -5.99 0.04
N LYS A 54 -3.23 -6.53 0.70
CA LYS A 54 -3.32 -7.85 1.31
C LYS A 54 -4.36 -7.85 2.44
N CYS A 55 -4.74 -6.65 2.87
CA CYS A 55 -5.72 -6.52 3.96
C CYS A 55 -7.12 -6.30 3.38
N PRO A 56 -7.96 -7.34 3.48
CA PRO A 56 -9.34 -7.29 2.98
C PRO A 56 -10.22 -6.38 3.83
N PRO A 57 -11.43 -6.08 3.31
CA PRO A 57 -12.39 -5.22 4.00
C PRO A 57 -12.98 -5.88 5.24
N ALA A 58 -13.85 -5.15 5.94
CA ALA A 58 -14.49 -5.67 7.14
C ALA A 58 -15.80 -4.95 7.41
N GLU A 59 -16.89 -5.71 7.44
CA GLU A 59 -18.21 -5.15 7.70
C GLU A 59 -18.44 -4.93 9.19
N GLY A 1 -16.35 8.20 9.07
CA GLY A 1 -15.33 7.56 8.26
C GLY A 1 -15.58 6.08 8.09
N THR A 2 -14.71 5.43 7.31
CA THR A 2 -14.84 3.99 7.07
C THR A 2 -14.63 3.19 8.35
N PRO A 3 -15.12 1.95 8.36
CA PRO A 3 -15.00 1.04 9.51
C PRO A 3 -13.56 0.59 9.74
N VAL A 4 -13.28 0.09 10.94
CA VAL A 4 -11.95 -0.39 11.28
C VAL A 4 -11.72 -1.79 10.73
N GLY A 5 -10.45 -2.17 10.59
CA GLY A 5 -10.11 -3.48 10.08
C GLY A 5 -8.69 -3.88 10.41
N ASN A 6 -8.31 -5.10 10.03
CA ASN A 6 -6.97 -5.60 10.29
C ASN A 6 -5.91 -4.64 9.77
N ASN A 7 -5.95 -4.35 8.48
CA ASN A 7 -5.00 -3.45 7.86
C ASN A 7 -4.98 -2.11 8.58
N LYS A 8 -3.78 -1.67 8.98
CA LYS A 8 -3.63 -0.40 9.69
C LYS A 8 -3.97 0.77 8.77
N CYS A 9 -3.65 0.64 7.49
CA CYS A 9 -3.92 1.68 6.52
C CYS A 9 -3.13 2.94 6.83
N TRP A 10 -1.91 3.01 6.33
CA TRP A 10 -1.05 4.17 6.57
C TRP A 10 -1.49 5.36 5.73
N ALA A 11 -0.66 6.40 5.69
CA ALA A 11 -0.97 7.60 4.92
C ALA A 11 -0.73 7.37 3.43
N ILE A 12 -1.76 7.62 2.63
CA ILE A 12 -1.66 7.45 1.18
C ILE A 12 -0.55 8.32 0.60
N GLY A 13 0.46 7.68 0.04
CA GLY A 13 1.56 8.41 -0.55
C GLY A 13 2.89 8.09 0.10
N THR A 14 2.84 7.59 1.34
CA THR A 14 4.04 7.24 2.08
C THR A 14 4.33 5.75 1.98
N THR A 15 5.59 5.38 2.23
CA THR A 15 6.00 3.98 2.15
C THR A 15 5.31 3.15 3.24
N CYS A 16 5.19 1.86 2.99
CA CYS A 16 4.55 0.95 3.94
C CYS A 16 5.57 0.38 4.91
N SER A 17 5.12 0.04 6.12
CA SER A 17 5.99 -0.52 7.14
C SER A 17 5.68 -1.99 7.37
N ASP A 18 5.11 -2.64 6.36
CA ASP A 18 4.76 -4.06 6.46
C ASP A 18 3.70 -4.29 7.52
N ASP A 19 3.50 -5.54 7.88
CA ASP A 19 2.51 -5.90 8.90
C ASP A 19 1.13 -5.37 8.52
N CYS A 20 0.78 -5.49 7.24
CA CYS A 20 -0.50 -5.02 6.76
C CYS A 20 -0.75 -3.57 7.17
N ASP A 21 0.34 -2.81 7.32
CA ASP A 21 0.24 -1.41 7.70
C ASP A 21 -0.46 -0.60 6.62
N CYS A 22 -0.55 -1.17 5.42
CA CYS A 22 -1.20 -0.49 4.30
C CYS A 22 -2.69 -0.78 4.29
N CYS A 23 -3.43 0.00 3.49
CA CYS A 23 -4.87 -0.18 3.39
C CYS A 23 -5.22 -1.40 2.55
N PRO A 24 -6.41 -1.97 2.79
CA PRO A 24 -6.88 -3.16 2.07
C PRO A 24 -7.20 -2.85 0.61
N GLU A 25 -7.60 -1.62 0.34
CA GLU A 25 -7.94 -1.20 -1.02
C GLU A 25 -6.76 -0.51 -1.68
N HIS A 26 -5.61 -0.54 -1.02
CA HIS A 26 -4.40 0.09 -1.55
C HIS A 26 -3.29 -0.93 -1.74
N HIS A 27 -2.11 -0.46 -2.13
CA HIS A 27 -0.96 -1.34 -2.34
C HIS A 27 0.35 -0.56 -2.21
N CYS A 28 1.43 -1.27 -1.90
CA CYS A 28 2.74 -0.65 -1.74
C CYS A 28 3.49 -0.65 -3.06
N HIS A 29 3.35 0.43 -3.83
CA HIS A 29 4.03 0.55 -5.11
C HIS A 29 5.51 0.84 -4.93
N CYS A 30 6.35 0.03 -5.55
CA CYS A 30 7.80 0.19 -5.45
C CYS A 30 8.39 0.59 -6.80
N PRO A 31 8.17 1.84 -7.20
CA PRO A 31 8.68 2.37 -8.48
C PRO A 31 10.19 2.53 -8.47
N ALA A 32 10.72 3.11 -9.54
CA ALA A 32 12.15 3.33 -9.66
C ALA A 32 12.45 4.68 -10.31
N GLY A 33 13.74 4.97 -10.50
CA GLY A 33 14.13 6.23 -11.12
C GLY A 33 15.08 6.03 -12.28
N LYS A 34 15.04 6.97 -13.23
CA LYS A 34 15.90 6.90 -14.41
C LYS A 34 17.38 6.99 -14.02
N TRP A 35 18.24 7.14 -15.01
CA TRP A 35 19.68 7.24 -14.76
C TRP A 35 20.16 6.10 -13.88
N LEU A 36 20.54 4.99 -14.51
CA LEU A 36 21.02 3.83 -13.79
C LEU A 36 19.94 3.26 -12.88
N PRO A 37 20.12 2.00 -12.47
CA PRO A 37 19.15 1.31 -11.59
C PRO A 37 19.17 1.86 -10.17
N GLY A 38 18.15 1.51 -9.40
CA GLY A 38 18.07 1.98 -8.03
C GLY A 38 16.65 1.98 -7.50
N LEU A 39 16.21 0.83 -7.01
CA LEU A 39 14.86 0.68 -6.47
C LEU A 39 14.60 1.71 -5.37
N PHE A 40 13.88 2.77 -5.73
CA PHE A 40 13.56 3.84 -4.79
C PHE A 40 12.57 3.34 -3.74
N ARG A 41 12.24 4.21 -2.79
CA ARG A 41 11.30 3.86 -1.73
C ARG A 41 9.90 3.63 -2.29
N CYS A 42 9.13 2.78 -1.63
CA CYS A 42 7.77 2.48 -2.06
C CYS A 42 6.77 3.43 -1.43
N THR A 43 5.53 3.38 -1.91
CA THR A 43 4.48 4.25 -1.39
C THR A 43 3.12 3.59 -1.50
N CYS A 44 2.26 3.83 -0.51
CA CYS A 44 0.92 3.25 -0.49
C CYS A 44 -0.03 4.05 -1.38
N GLN A 45 -0.57 3.38 -2.39
CA GLN A 45 -1.49 4.03 -3.32
C GLN A 45 -2.75 3.19 -3.51
N VAL A 46 -3.88 3.86 -3.74
CA VAL A 46 -5.15 3.18 -3.94
C VAL A 46 -5.16 2.38 -5.24
N THR A 47 -5.91 1.28 -5.25
CA THR A 47 -6.00 0.44 -6.43
C THR A 47 -7.31 0.67 -7.18
N GLU A 48 -7.21 0.75 -8.51
CA GLU A 48 -8.40 0.98 -9.33
C GLU A 48 -9.35 -0.22 -9.25
N SER A 49 -8.82 -1.41 -9.53
CA SER A 49 -9.63 -2.62 -9.49
C SER A 49 -9.80 -3.11 -8.06
N ASP A 50 -10.32 -4.33 -7.93
CA ASP A 50 -10.55 -4.91 -6.60
C ASP A 50 -9.34 -5.74 -6.16
N LYS A 51 -8.15 -5.18 -6.37
CA LYS A 51 -6.92 -5.86 -5.99
C LYS A 51 -6.47 -5.44 -4.59
N VAL A 52 -6.69 -6.31 -3.61
CA VAL A 52 -6.30 -6.02 -2.24
C VAL A 52 -5.01 -6.73 -1.87
N ASN A 53 -4.64 -6.67 -0.59
CA ASN A 53 -3.43 -7.32 -0.11
C ASN A 53 -3.73 -8.69 0.48
N LYS A 54 -2.68 -9.41 0.86
CA LYS A 54 -2.84 -10.74 1.43
C LYS A 54 -3.83 -10.72 2.60
N CYS A 55 -3.95 -9.57 3.24
CA CYS A 55 -4.86 -9.41 4.37
C CYS A 55 -6.29 -9.76 3.95
N PRO A 56 -7.09 -10.20 4.94
CA PRO A 56 -8.49 -10.57 4.71
C PRO A 56 -9.37 -9.35 4.41
N PRO A 57 -10.60 -9.61 3.94
CA PRO A 57 -11.55 -8.55 3.61
C PRO A 57 -12.08 -7.84 4.85
N ALA A 58 -11.16 -7.35 5.67
CA ALA A 58 -11.52 -6.65 6.90
C ALA A 58 -12.16 -7.60 7.91
N GLU A 59 -13.43 -7.92 7.69
CA GLU A 59 -14.16 -8.81 8.59
C GLU A 59 -14.25 -8.23 9.99
N GLY A 1 -13.35 6.30 18.97
CA GLY A 1 -12.03 5.74 19.23
C GLY A 1 -12.01 4.23 19.09
N THR A 2 -12.94 3.70 18.30
CA THR A 2 -13.03 2.26 18.09
C THR A 2 -13.24 1.93 16.62
N PRO A 3 -12.19 2.13 15.82
CA PRO A 3 -12.23 1.86 14.37
C PRO A 3 -12.30 0.37 14.07
N VAL A 4 -12.65 0.04 12.82
CA VAL A 4 -12.76 -1.34 12.40
C VAL A 4 -11.87 -1.63 11.19
N GLY A 5 -11.72 -2.90 10.85
CA GLY A 5 -10.90 -3.28 9.71
C GLY A 5 -9.42 -3.24 10.04
N ASN A 6 -8.74 -4.36 9.82
CA ASN A 6 -7.32 -4.45 10.09
C ASN A 6 -6.53 -3.42 9.28
N ASN A 7 -6.90 -3.28 8.01
CA ASN A 7 -6.23 -2.33 7.12
C ASN A 7 -6.24 -0.93 7.73
N LYS A 8 -5.06 -0.31 7.80
CA LYS A 8 -4.93 1.02 8.35
C LYS A 8 -5.26 2.09 7.30
N CYS A 9 -4.87 1.83 6.07
CA CYS A 9 -5.12 2.76 4.97
C CYS A 9 -4.67 4.17 5.34
N TRP A 10 -3.36 4.35 5.44
CA TRP A 10 -2.80 5.65 5.78
C TRP A 10 -2.74 6.56 4.56
N ALA A 11 -2.13 7.72 4.72
CA ALA A 11 -2.00 8.68 3.63
C ALA A 11 -1.35 8.04 2.41
N ILE A 12 -2.08 8.02 1.30
CA ILE A 12 -1.58 7.43 0.06
C ILE A 12 -0.21 8.00 -0.30
N GLY A 13 0.77 7.12 -0.44
CA GLY A 13 2.11 7.56 -0.79
C GLY A 13 3.15 7.07 0.20
N THR A 14 2.72 6.77 1.42
CA THR A 14 3.62 6.29 2.45
C THR A 14 4.22 4.94 2.08
N THR A 15 5.38 4.64 2.64
CA THR A 15 6.07 3.38 2.37
C THR A 15 5.29 2.20 2.94
N CYS A 16 5.05 1.18 2.12
CA CYS A 16 4.32 0.00 2.54
C CYS A 16 5.27 -1.04 3.12
N SER A 17 4.78 -1.83 4.08
CA SER A 17 5.59 -2.86 4.71
C SER A 17 4.72 -4.02 5.18
N ASP A 18 3.62 -4.25 4.45
CA ASP A 18 2.71 -5.34 4.78
C ASP A 18 2.03 -5.09 6.13
N ASP A 19 1.51 -6.14 6.73
CA ASP A 19 0.85 -6.04 8.03
C ASP A 19 -0.38 -5.15 7.93
N CYS A 20 -1.09 -5.22 6.81
CA CYS A 20 -2.28 -4.42 6.59
C CYS A 20 -1.96 -2.93 6.73
N ASP A 21 -0.69 -2.59 6.57
CA ASP A 21 -0.26 -1.19 6.67
C ASP A 21 -0.92 -0.34 5.61
N CYS A 22 -1.47 -0.99 4.58
CA CYS A 22 -2.13 -0.28 3.49
C CYS A 22 -3.59 -0.74 3.36
N CYS A 23 -4.26 -0.24 2.32
CA CYS A 23 -5.65 -0.59 2.08
C CYS A 23 -5.75 -1.93 1.35
N PRO A 24 -6.91 -2.59 1.48
CA PRO A 24 -7.17 -3.89 0.85
C PRO A 24 -7.28 -3.77 -0.66
N GLU A 25 -7.72 -2.62 -1.14
CA GLU A 25 -7.88 -2.38 -2.57
C GLU A 25 -6.73 -1.53 -3.12
N HIS A 26 -5.62 -1.52 -2.38
CA HIS A 26 -4.44 -0.75 -2.79
C HIS A 26 -3.27 -1.68 -3.10
N HIS A 27 -2.13 -1.08 -3.41
CA HIS A 27 -0.93 -1.85 -3.73
C HIS A 27 0.33 -1.03 -3.44
N CYS A 28 1.49 -1.66 -3.65
CA CYS A 28 2.76 -0.98 -3.42
C CYS A 28 3.38 -0.50 -4.73
N HIS A 29 3.86 0.74 -4.73
CA HIS A 29 4.46 1.32 -5.92
C HIS A 29 5.95 1.58 -5.70
N CYS A 30 6.78 0.79 -6.38
CA CYS A 30 8.23 0.93 -6.26
C CYS A 30 8.84 1.42 -7.57
N PRO A 31 8.68 2.72 -7.85
CA PRO A 31 9.21 3.34 -9.07
C PRO A 31 10.73 3.43 -9.06
N ALA A 32 11.28 4.19 -10.00
CA ALA A 32 12.72 4.35 -10.10
C ALA A 32 13.09 5.80 -10.45
N GLY A 33 14.01 6.37 -9.68
CA GLY A 33 14.42 7.74 -9.92
C GLY A 33 15.24 7.89 -11.19
N LYS A 34 16.34 8.64 -11.10
CA LYS A 34 17.21 8.84 -12.25
C LYS A 34 18.15 7.67 -12.45
N TRP A 35 18.19 7.14 -13.66
CA TRP A 35 19.05 6.01 -13.99
C TRP A 35 18.90 4.90 -12.96
N LEU A 36 17.68 4.72 -12.47
CA LEU A 36 17.39 3.69 -11.48
C LEU A 36 18.37 3.75 -10.33
N PRO A 37 18.15 4.69 -9.40
CA PRO A 37 19.01 4.87 -8.23
C PRO A 37 18.90 3.71 -7.24
N GLY A 38 20.04 3.23 -6.77
CA GLY A 38 20.04 2.12 -5.82
C GLY A 38 19.13 2.38 -4.64
N LEU A 39 19.03 3.63 -4.23
CA LEU A 39 18.18 4.01 -3.10
C LEU A 39 16.72 4.11 -3.53
N PHE A 40 16.19 3.02 -4.06
CA PHE A 40 14.79 2.99 -4.51
C PHE A 40 13.85 2.77 -3.33
N ARG A 41 12.77 3.55 -3.32
CA ARG A 41 11.78 3.45 -2.24
C ARG A 41 10.44 2.99 -2.79
N CYS A 42 9.45 2.87 -1.90
CA CYS A 42 8.11 2.45 -2.29
C CYS A 42 7.06 3.42 -1.76
N THR A 43 5.86 3.34 -2.32
CA THR A 43 4.77 4.20 -1.91
C THR A 43 3.41 3.50 -2.05
N CYS A 44 2.50 3.79 -1.13
CA CYS A 44 1.18 3.18 -1.16
C CYS A 44 0.27 3.88 -2.16
N GLN A 45 -0.37 3.10 -3.02
CA GLN A 45 -1.26 3.64 -4.03
C GLN A 45 -2.49 2.76 -4.21
N VAL A 46 -3.53 3.32 -4.83
CA VAL A 46 -4.77 2.58 -5.06
C VAL A 46 -4.66 1.71 -6.31
N THR A 47 -5.38 0.59 -6.31
CA THR A 47 -5.37 -0.32 -7.44
C THR A 47 -6.73 -0.98 -7.62
N GLU A 48 -7.03 -1.39 -8.86
CA GLU A 48 -8.30 -2.04 -9.17
C GLU A 48 -8.08 -3.47 -9.63
N SER A 49 -6.86 -3.76 -10.09
CA SER A 49 -6.53 -5.09 -10.57
C SER A 49 -6.71 -6.13 -9.46
N ASP A 50 -6.30 -7.36 -9.74
CA ASP A 50 -6.43 -8.45 -8.76
C ASP A 50 -5.11 -8.64 -8.01
N LYS A 51 -4.11 -7.83 -8.35
CA LYS A 51 -2.81 -7.90 -7.70
C LYS A 51 -2.71 -6.93 -6.54
N VAL A 52 -3.86 -6.52 -6.01
CA VAL A 52 -3.91 -5.60 -4.89
C VAL A 52 -3.49 -6.27 -3.59
N ASN A 53 -3.67 -5.57 -2.48
CA ASN A 53 -3.31 -6.11 -1.17
C ASN A 53 -3.92 -7.48 -0.97
N LYS A 54 -3.35 -8.25 -0.04
CA LYS A 54 -3.84 -9.59 0.25
C LYS A 54 -4.59 -9.61 1.57
N CYS A 55 -4.69 -8.46 2.22
CA CYS A 55 -5.39 -8.34 3.49
C CYS A 55 -6.90 -8.44 3.29
N PRO A 56 -7.59 -8.93 4.33
CA PRO A 56 -9.05 -9.08 4.30
C PRO A 56 -9.78 -7.75 4.31
N PRO A 57 -11.09 -7.78 4.03
CA PRO A 57 -11.93 -6.58 4.00
C PRO A 57 -12.15 -5.99 5.39
N ALA A 58 -13.03 -5.00 5.48
CA ALA A 58 -13.33 -4.36 6.74
C ALA A 58 -14.84 -4.29 6.99
N GLU A 59 -15.33 -5.17 7.87
CA GLU A 59 -16.75 -5.21 8.18
C GLU A 59 -17.58 -5.43 6.92
N GLY A 1 -22.86 0.82 7.42
CA GLY A 1 -22.61 1.34 8.75
C GLY A 1 -21.19 1.86 8.91
N THR A 2 -20.48 1.34 9.92
CA THR A 2 -19.11 1.76 10.16
C THR A 2 -18.23 0.57 10.52
N PRO A 3 -17.90 -0.24 9.52
CA PRO A 3 -17.06 -1.44 9.70
C PRO A 3 -15.61 -1.07 10.02
N VAL A 4 -14.89 -2.02 10.62
CA VAL A 4 -13.50 -1.81 10.98
C VAL A 4 -12.56 -2.63 10.10
N GLY A 5 -11.52 -2.00 9.59
CA GLY A 5 -10.57 -2.70 8.75
C GLY A 5 -9.23 -2.93 9.43
N ASN A 6 -8.77 -4.18 9.42
CA ASN A 6 -7.51 -4.53 10.04
C ASN A 6 -6.38 -3.62 9.56
N ASN A 7 -6.40 -3.31 8.27
CA ASN A 7 -5.39 -2.44 7.67
C ASN A 7 -5.26 -1.14 8.46
N LYS A 8 -4.08 -0.91 9.05
CA LYS A 8 -3.82 0.29 9.82
C LYS A 8 -4.01 1.53 8.97
N CYS A 9 -3.77 1.40 7.66
CA CYS A 9 -3.92 2.51 6.74
C CYS A 9 -2.87 3.59 7.02
N TRP A 10 -1.71 3.45 6.41
CA TRP A 10 -0.62 4.40 6.59
C TRP A 10 -0.85 5.66 5.75
N ALA A 11 -0.26 6.77 6.17
CA ALA A 11 -0.40 8.03 5.46
C ALA A 11 -0.08 7.86 3.97
N ILE A 12 -1.04 8.22 3.12
CA ILE A 12 -0.86 8.11 1.68
C ILE A 12 0.33 8.95 1.21
N GLY A 13 1.33 8.28 0.65
CA GLY A 13 2.50 8.98 0.16
C GLY A 13 3.76 8.60 0.91
N THR A 14 3.58 7.99 2.08
CA THR A 14 4.72 7.58 2.91
C THR A 14 5.03 6.10 2.70
N THR A 15 6.22 5.69 3.13
CA THR A 15 6.65 4.30 2.99
C THR A 15 5.71 3.36 3.72
N CYS A 16 5.79 2.07 3.39
CA CYS A 16 4.94 1.07 4.02
C CYS A 16 5.79 0.01 4.72
N SER A 17 5.24 -0.56 5.79
CA SER A 17 5.94 -1.58 6.55
C SER A 17 5.22 -2.93 6.46
N ASP A 18 4.37 -3.06 5.45
CA ASP A 18 3.62 -4.30 5.24
C ASP A 18 2.80 -4.65 6.48
N ASP A 19 2.43 -5.92 6.60
CA ASP A 19 1.65 -6.38 7.74
C ASP A 19 0.36 -5.56 7.88
N CYS A 20 -0.36 -5.39 6.78
CA CYS A 20 -1.60 -4.64 6.78
C CYS A 20 -1.34 -3.16 7.08
N ASP A 21 -0.12 -2.72 6.78
CA ASP A 21 0.26 -1.33 7.01
C ASP A 21 -0.64 -0.38 6.22
N CYS A 22 -0.52 -0.42 4.89
CA CYS A 22 -1.32 0.43 4.03
C CYS A 22 -2.80 0.06 4.11
N CYS A 23 -3.61 0.69 3.27
CA CYS A 23 -5.04 0.42 3.25
C CYS A 23 -5.38 -0.66 2.22
N PRO A 24 -6.59 -1.22 2.33
CA PRO A 24 -7.06 -2.27 1.43
C PRO A 24 -7.34 -1.74 0.02
N GLU A 25 -7.60 -0.44 -0.07
CA GLU A 25 -7.88 0.20 -1.35
C GLU A 25 -6.62 0.80 -1.95
N HIS A 26 -5.51 0.66 -1.24
CA HIS A 26 -4.24 1.20 -1.69
C HIS A 26 -3.17 0.10 -1.75
N HIS A 27 -1.92 0.51 -1.95
CA HIS A 27 -0.82 -0.45 -2.02
C HIS A 27 0.53 0.28 -1.91
N CYS A 28 1.61 -0.49 -1.95
CA CYS A 28 2.96 0.07 -1.85
C CYS A 28 3.54 0.33 -3.24
N HIS A 29 3.47 1.58 -3.68
CA HIS A 29 4.00 1.96 -4.98
C HIS A 29 5.53 2.01 -4.96
N CYS A 30 6.14 1.36 -5.94
CA CYS A 30 7.60 1.34 -6.04
C CYS A 30 8.05 1.18 -7.48
N PRO A 31 7.99 2.29 -8.25
CA PRO A 31 8.38 2.30 -9.65
C PRO A 31 9.89 2.13 -9.84
N ALA A 32 10.35 2.31 -11.07
CA ALA A 32 11.78 2.18 -11.38
C ALA A 32 12.22 3.24 -12.39
N GLY A 33 13.44 3.72 -12.23
CA GLY A 33 13.97 4.73 -13.14
C GLY A 33 15.03 4.18 -14.07
N LYS A 34 14.87 4.45 -15.37
CA LYS A 34 15.82 3.97 -16.37
C LYS A 34 17.20 4.58 -16.13
N TRP A 35 18.10 4.37 -17.08
CA TRP A 35 19.46 4.89 -16.97
C TRP A 35 20.08 4.53 -15.63
N LEU A 36 20.73 3.36 -15.57
CA LEU A 36 21.37 2.90 -14.35
C LEU A 36 20.34 2.70 -13.25
N PRO A 37 20.72 1.92 -12.22
CA PRO A 37 19.84 1.62 -11.08
C PRO A 37 19.62 2.84 -10.19
N GLY A 38 18.62 2.76 -9.32
CA GLY A 38 18.32 3.86 -8.42
C GLY A 38 16.89 3.84 -7.94
N LEU A 39 16.37 2.65 -7.67
CA LEU A 39 15.01 2.50 -7.19
C LEU A 39 14.86 3.04 -5.77
N PHE A 40 14.16 4.17 -5.64
CA PHE A 40 13.95 4.80 -4.34
C PHE A 40 12.97 3.98 -3.50
N ARG A 41 12.63 4.49 -2.33
CA ARG A 41 11.71 3.82 -1.43
C ARG A 41 10.30 3.79 -2.02
N CYS A 42 9.41 3.04 -1.38
CA CYS A 42 8.04 2.92 -1.84
C CYS A 42 7.13 3.90 -1.09
N THR A 43 5.88 4.01 -1.55
CA THR A 43 4.92 4.91 -0.92
C THR A 43 3.50 4.36 -1.03
N CYS A 44 2.71 4.59 0.01
CA CYS A 44 1.33 4.11 0.04
C CYS A 44 0.45 4.95 -0.90
N GLN A 45 0.03 4.33 -2.01
CA GLN A 45 -0.81 5.02 -2.97
C GLN A 45 -2.03 4.17 -3.33
N VAL A 46 -3.14 4.83 -3.67
CA VAL A 46 -4.36 4.14 -4.03
C VAL A 46 -4.16 3.25 -5.26
N THR A 47 -4.91 2.17 -5.35
CA THR A 47 -4.81 1.25 -6.46
C THR A 47 -6.19 0.75 -6.89
N GLU A 48 -6.27 0.21 -8.10
CA GLU A 48 -7.53 -0.30 -8.63
C GLU A 48 -7.45 -1.81 -8.86
N SER A 49 -6.28 -2.27 -9.28
CA SER A 49 -6.07 -3.68 -9.55
C SER A 49 -6.59 -4.54 -8.39
N ASP A 50 -6.77 -5.83 -8.66
CA ASP A 50 -7.26 -6.76 -7.65
C ASP A 50 -6.12 -7.55 -7.03
N LYS A 51 -4.93 -7.42 -7.62
CA LYS A 51 -3.75 -8.13 -7.13
C LYS A 51 -2.97 -7.26 -6.15
N VAL A 52 -3.65 -6.30 -5.53
CA VAL A 52 -3.02 -5.40 -4.57
C VAL A 52 -3.39 -5.80 -3.14
N ASN A 53 -3.10 -4.91 -2.20
CA ASN A 53 -3.39 -5.17 -0.79
C ASN A 53 -4.81 -5.72 -0.62
N LYS A 54 -4.90 -7.02 -0.37
CA LYS A 54 -6.19 -7.67 -0.18
C LYS A 54 -6.48 -7.88 1.30
N CYS A 55 -5.67 -7.28 2.15
CA CYS A 55 -5.84 -7.40 3.59
C CYS A 55 -7.30 -7.19 3.98
N PRO A 56 -7.98 -8.29 4.34
CA PRO A 56 -9.39 -8.26 4.74
C PRO A 56 -9.59 -7.58 6.08
N PRO A 57 -10.85 -7.26 6.41
CA PRO A 57 -11.21 -6.61 7.68
C PRO A 57 -11.02 -7.52 8.88
N ALA A 58 -11.42 -7.04 10.05
CA ALA A 58 -11.29 -7.81 11.28
C ALA A 58 -12.62 -8.47 11.65
N GLU A 59 -12.69 -9.79 11.49
CA GLU A 59 -13.90 -10.53 11.80
C GLU A 59 -14.35 -10.26 13.24
N GLY A 1 -14.54 -5.30 19.93
CA GLY A 1 -15.80 -5.93 19.56
C GLY A 1 -15.79 -6.47 18.15
N THR A 2 -16.47 -5.77 17.24
CA THR A 2 -16.53 -6.18 15.84
C THR A 2 -16.32 -4.99 14.91
N PRO A 3 -15.07 -4.51 14.85
CA PRO A 3 -14.70 -3.37 14.00
C PRO A 3 -14.74 -3.73 12.52
N VAL A 4 -14.74 -2.71 11.67
CA VAL A 4 -14.77 -2.91 10.22
C VAL A 4 -13.43 -2.55 9.58
N GLY A 5 -12.91 -3.46 8.75
CA GLY A 5 -11.64 -3.21 8.10
C GLY A 5 -10.46 -3.46 9.00
N ASN A 6 -9.45 -4.15 8.48
CA ASN A 6 -8.26 -4.47 9.26
C ASN A 6 -7.13 -3.49 8.93
N ASN A 7 -7.01 -3.15 7.65
CA ASN A 7 -5.97 -2.23 7.21
C ASN A 7 -6.00 -0.94 8.03
N LYS A 8 -4.91 -0.68 8.75
CA LYS A 8 -4.81 0.51 9.58
C LYS A 8 -4.79 1.77 8.71
N CYS A 9 -4.36 1.62 7.46
CA CYS A 9 -4.30 2.74 6.54
C CYS A 9 -3.29 3.78 7.02
N TRP A 10 -2.04 3.61 6.63
CA TRP A 10 -0.97 4.53 7.01
C TRP A 10 -1.16 5.88 6.33
N ALA A 11 -0.17 6.76 6.49
CA ALA A 11 -0.22 8.08 5.88
C ALA A 11 0.12 8.01 4.39
N ILE A 12 -0.76 8.59 3.57
CA ILE A 12 -0.56 8.60 2.13
C ILE A 12 0.74 9.30 1.75
N GLY A 13 1.62 8.59 1.06
CA GLY A 13 2.89 9.16 0.65
C GLY A 13 4.04 8.68 1.49
N THR A 14 3.73 8.06 2.62
CA THR A 14 4.75 7.55 3.52
C THR A 14 5.11 6.10 3.19
N THR A 15 6.11 5.57 3.89
CA THR A 15 6.55 4.20 3.66
C THR A 15 5.64 3.21 4.37
N CYS A 16 5.59 1.99 3.85
CA CYS A 16 4.76 0.94 4.45
C CYS A 16 5.54 0.15 5.49
N SER A 17 4.83 -0.69 6.23
CA SER A 17 5.46 -1.51 7.28
C SER A 17 4.72 -2.83 7.45
N ASP A 18 4.01 -3.25 6.41
CA ASP A 18 3.25 -4.49 6.46
C ASP A 18 2.24 -4.48 7.61
N ASP A 19 1.73 -5.65 7.95
CA ASP A 19 0.76 -5.77 9.04
C ASP A 19 -0.47 -4.94 8.76
N CYS A 20 -0.94 -4.97 7.51
CA CYS A 20 -2.11 -4.21 7.11
C CYS A 20 -1.90 -2.72 7.33
N ASP A 21 -0.63 -2.31 7.41
CA ASP A 21 -0.29 -0.90 7.62
C ASP A 21 -1.02 -0.02 6.61
N CYS A 22 -0.80 -0.28 5.33
CA CYS A 22 -1.42 0.49 4.26
C CYS A 22 -2.86 0.04 4.04
N CYS A 23 -3.58 0.77 3.18
CA CYS A 23 -4.96 0.44 2.87
C CYS A 23 -5.04 -0.54 1.70
N PRO A 24 -6.20 -1.21 1.56
CA PRO A 24 -6.44 -2.18 0.49
C PRO A 24 -6.54 -1.51 -0.88
N GLU A 25 -7.33 -0.46 -0.96
CA GLU A 25 -7.51 0.26 -2.22
C GLU A 25 -6.21 0.90 -2.67
N HIS A 26 -5.27 1.04 -1.74
CA HIS A 26 -3.98 1.65 -2.04
C HIS A 26 -2.88 0.58 -2.11
N HIS A 27 -1.68 1.00 -2.50
CA HIS A 27 -0.56 0.08 -2.61
C HIS A 27 0.74 0.77 -2.19
N CYS A 28 1.85 0.05 -2.33
CA CYS A 28 3.16 0.59 -1.97
C CYS A 28 4.04 0.76 -3.20
N HIS A 29 4.19 2.01 -3.65
CA HIS A 29 5.01 2.31 -4.82
C HIS A 29 6.49 2.22 -4.48
N CYS A 30 7.23 1.52 -5.33
CA CYS A 30 8.67 1.34 -5.13
C CYS A 30 9.34 0.84 -6.41
N PRO A 31 9.38 1.71 -7.42
CA PRO A 31 9.99 1.38 -8.72
C PRO A 31 11.51 1.27 -8.63
N ALA A 32 11.98 0.61 -7.58
CA ALA A 32 13.42 0.43 -7.38
C ALA A 32 14.01 -0.53 -8.41
N GLY A 33 15.23 -0.26 -8.84
CA GLY A 33 15.88 -1.11 -9.82
C GLY A 33 16.44 -0.32 -10.98
N LYS A 34 17.08 -1.02 -11.91
CA LYS A 34 17.67 -0.38 -13.08
C LYS A 34 16.60 0.35 -13.89
N TRP A 35 17.00 0.88 -15.04
CA TRP A 35 16.07 1.60 -15.91
C TRP A 35 15.48 2.81 -15.19
N LEU A 36 15.96 3.99 -15.55
CA LEU A 36 15.47 5.23 -14.93
C LEU A 36 15.81 5.26 -13.45
N PRO A 37 15.77 6.46 -12.86
CA PRO A 37 16.07 6.67 -11.44
C PRO A 37 15.00 6.08 -10.53
N GLY A 38 15.37 5.82 -9.28
CA GLY A 38 14.42 5.25 -8.34
C GLY A 38 15.10 4.45 -7.24
N LEU A 39 15.50 5.12 -6.17
CA LEU A 39 16.17 4.47 -5.05
C LEU A 39 15.28 3.39 -4.45
N PHE A 40 15.69 2.88 -3.29
CA PHE A 40 14.93 1.84 -2.60
C PHE A 40 13.78 2.44 -1.80
N ARG A 41 13.57 3.75 -1.97
CA ARG A 41 12.51 4.45 -1.26
C ARG A 41 11.14 4.03 -1.78
N CYS A 42 10.16 3.95 -0.88
CA CYS A 42 8.81 3.56 -1.25
C CYS A 42 7.78 4.49 -0.61
N THR A 43 6.61 4.59 -1.23
CA THR A 43 5.54 5.44 -0.72
C THR A 43 4.18 4.83 -1.00
N CYS A 44 3.25 5.00 -0.05
CA CYS A 44 1.90 4.46 -0.19
C CYS A 44 1.05 5.37 -1.07
N GLN A 45 0.52 4.81 -2.14
CA GLN A 45 -0.32 5.56 -3.06
C GLN A 45 -1.51 4.73 -3.53
N VAL A 46 -2.63 5.40 -3.80
CA VAL A 46 -3.84 4.73 -4.25
C VAL A 46 -3.57 3.89 -5.49
N THR A 47 -4.29 2.77 -5.62
CA THR A 47 -4.13 1.88 -6.76
C THR A 47 -5.48 1.39 -7.27
N GLU A 48 -5.65 1.38 -8.59
CA GLU A 48 -6.90 0.94 -9.20
C GLU A 48 -6.70 -0.39 -9.92
N SER A 49 -5.47 -0.64 -10.36
CA SER A 49 -5.15 -1.87 -11.07
C SER A 49 -5.40 -3.09 -10.20
N ASP A 50 -4.95 -4.25 -10.67
CA ASP A 50 -5.13 -5.49 -9.92
C ASP A 50 -3.92 -5.77 -9.03
N LYS A 51 -3.44 -4.74 -8.35
CA LYS A 51 -2.29 -4.87 -7.46
C LYS A 51 -2.58 -4.25 -6.10
N VAL A 52 -2.86 -5.11 -5.11
CA VAL A 52 -3.14 -4.65 -3.77
C VAL A 52 -2.45 -5.53 -2.73
N ASN A 53 -2.39 -5.05 -1.49
CA ASN A 53 -1.76 -5.78 -0.41
C ASN A 53 -2.51 -7.09 -0.14
N LYS A 54 -1.77 -8.09 0.35
CA LYS A 54 -2.36 -9.39 0.65
C LYS A 54 -3.53 -9.24 1.63
N CYS A 55 -3.53 -8.15 2.38
CA CYS A 55 -4.59 -7.90 3.36
C CYS A 55 -5.94 -7.78 2.66
N PRO A 56 -7.02 -8.03 3.43
CA PRO A 56 -8.39 -7.95 2.92
C PRO A 56 -8.81 -6.52 2.60
N PRO A 57 -9.95 -6.38 1.90
CA PRO A 57 -10.48 -5.08 1.51
C PRO A 57 -11.02 -4.30 2.71
N ALA A 58 -11.68 -3.18 2.43
CA ALA A 58 -12.25 -2.34 3.48
C ALA A 58 -13.50 -1.61 3.00
N GLU A 59 -14.52 -2.37 2.60
CA GLU A 59 -15.76 -1.80 2.11
C GLU A 59 -16.69 -1.46 3.28
N GLY A 1 -12.89 2.80 21.70
CA GLY A 1 -12.24 2.31 20.51
C GLY A 1 -13.06 1.29 19.76
N THR A 2 -13.22 1.49 18.46
CA THR A 2 -13.99 0.57 17.64
C THR A 2 -13.49 0.57 16.20
N PRO A 3 -12.31 -0.02 15.99
CA PRO A 3 -11.69 -0.12 14.66
C PRO A 3 -12.44 -1.07 13.74
N VAL A 4 -12.11 -1.02 12.44
CA VAL A 4 -12.75 -1.88 11.46
C VAL A 4 -11.78 -2.28 10.35
N GLY A 5 -11.77 -3.56 10.01
CA GLY A 5 -10.88 -4.05 8.97
C GLY A 5 -9.45 -4.23 9.47
N ASN A 6 -8.93 -5.44 9.32
CA ASN A 6 -7.57 -5.75 9.76
C ASN A 6 -6.58 -4.74 9.19
N ASN A 7 -6.75 -4.41 7.91
CA ASN A 7 -5.86 -3.46 7.25
C ASN A 7 -5.76 -2.17 8.04
N LYS A 8 -4.56 -1.86 8.53
CA LYS A 8 -4.32 -0.65 9.30
C LYS A 8 -4.46 0.59 8.43
N CYS A 9 -4.27 0.42 7.13
CA CYS A 9 -4.37 1.52 6.18
C CYS A 9 -3.52 2.70 6.63
N TRP A 10 -2.22 2.61 6.38
CA TRP A 10 -1.28 3.67 6.76
C TRP A 10 -1.63 4.97 6.04
N ALA A 11 -0.73 5.95 6.15
CA ALA A 11 -0.93 7.23 5.50
C ALA A 11 -0.68 7.15 4.00
N ILE A 12 -1.65 7.55 3.21
CA ILE A 12 -1.53 7.52 1.76
C ILE A 12 -0.36 8.36 1.28
N GLY A 13 0.61 7.72 0.63
CA GLY A 13 1.78 8.43 0.15
C GLY A 13 3.05 7.99 0.83
N THR A 14 2.91 7.26 1.94
CA THR A 14 4.06 6.79 2.70
C THR A 14 4.47 5.38 2.25
N THR A 15 5.57 4.89 2.79
CA THR A 15 6.07 3.56 2.44
C THR A 15 5.16 2.47 3.01
N CYS A 16 5.24 1.28 2.42
CA CYS A 16 4.43 0.15 2.86
C CYS A 16 5.15 -0.64 3.94
N SER A 17 4.39 -1.44 4.68
CA SER A 17 4.96 -2.25 5.75
C SER A 17 4.36 -3.66 5.74
N ASP A 18 3.61 -3.97 4.69
CA ASP A 18 2.98 -5.28 4.55
C ASP A 18 2.20 -5.63 5.81
N ASP A 19 1.81 -6.90 5.92
CA ASP A 19 1.06 -7.37 7.07
C ASP A 19 -0.18 -6.51 7.30
N CYS A 20 -0.96 -6.30 6.25
CA CYS A 20 -2.17 -5.50 6.33
C CYS A 20 -1.84 -4.04 6.66
N ASP A 21 -0.60 -3.65 6.37
CA ASP A 21 -0.15 -2.28 6.63
C ASP A 21 -1.11 -1.27 6.01
N CYS A 22 -1.24 -1.33 4.69
CA CYS A 22 -2.12 -0.42 3.97
C CYS A 22 -3.52 -1.01 3.82
N CYS A 23 -4.38 -0.30 3.10
CA CYS A 23 -5.75 -0.75 2.88
C CYS A 23 -5.81 -1.77 1.73
N PRO A 24 -6.91 -2.53 1.67
CA PRO A 24 -7.11 -3.55 0.64
C PRO A 24 -7.35 -2.93 -0.73
N GLU A 25 -7.91 -1.73 -0.76
CA GLU A 25 -8.19 -1.04 -2.01
C GLU A 25 -6.97 -0.25 -2.48
N HIS A 26 -5.92 -0.27 -1.66
CA HIS A 26 -4.69 0.44 -1.99
C HIS A 26 -3.56 -0.53 -2.27
N HIS A 27 -2.44 -0.01 -2.77
CA HIS A 27 -1.28 -0.84 -3.08
C HIS A 27 0.02 -0.03 -2.97
N CYS A 28 1.14 -0.68 -3.24
CA CYS A 28 2.43 -0.03 -3.18
C CYS A 28 2.88 0.43 -4.56
N HIS A 29 2.73 1.72 -4.83
CA HIS A 29 3.13 2.29 -6.12
C HIS A 29 4.62 2.52 -6.16
N CYS A 30 5.31 1.83 -7.08
CA CYS A 30 6.75 1.96 -7.22
C CYS A 30 7.19 1.61 -8.65
N PRO A 31 6.80 2.45 -9.60
CA PRO A 31 7.14 2.25 -11.01
C PRO A 31 8.62 2.46 -11.29
N ALA A 32 9.46 2.03 -10.36
CA ALA A 32 10.90 2.17 -10.49
C ALA A 32 11.65 1.27 -9.51
N GLY A 33 12.74 0.68 -9.96
CA GLY A 33 13.53 -0.19 -9.10
C GLY A 33 14.99 0.20 -9.06
N LYS A 34 15.86 -0.80 -8.92
CA LYS A 34 17.30 -0.56 -8.87
C LYS A 34 17.78 0.10 -10.16
N TRP A 35 19.10 0.18 -10.32
CA TRP A 35 19.70 0.78 -11.50
C TRP A 35 19.33 2.25 -11.60
N LEU A 36 20.23 3.03 -12.19
CA LEU A 36 20.00 4.46 -12.35
C LEU A 36 19.97 5.17 -11.00
N PRO A 37 20.62 6.34 -10.93
CA PRO A 37 20.69 7.13 -9.69
C PRO A 37 19.34 7.75 -9.33
N GLY A 38 19.24 8.25 -8.11
CA GLY A 38 17.99 8.86 -7.66
C GLY A 38 16.79 7.97 -7.89
N LEU A 39 16.95 6.68 -7.65
CA LEU A 39 15.87 5.72 -7.84
C LEU A 39 14.61 6.17 -7.11
N PHE A 40 13.51 6.29 -7.85
CA PHE A 40 12.24 6.71 -7.28
C PHE A 40 11.79 5.73 -6.19
N ARG A 41 11.50 6.26 -5.00
CA ARG A 41 11.06 5.44 -3.88
C ARG A 41 9.65 4.91 -4.13
N CYS A 42 9.11 4.22 -3.13
CA CYS A 42 7.76 3.65 -3.24
C CYS A 42 6.79 4.38 -2.30
N THR A 43 5.51 4.36 -2.66
CA THR A 43 4.49 5.03 -1.85
C THR A 43 3.16 4.31 -1.97
N CYS A 44 2.41 4.26 -0.87
CA CYS A 44 1.11 3.61 -0.86
C CYS A 44 0.03 4.51 -1.44
N GLN A 45 -0.69 4.01 -2.43
CA GLN A 45 -1.75 4.77 -3.08
C GLN A 45 -2.98 3.90 -3.32
N VAL A 46 -4.10 4.54 -3.60
CA VAL A 46 -5.35 3.83 -3.86
C VAL A 46 -5.47 3.45 -5.33
N THR A 47 -6.15 2.35 -5.59
CA THR A 47 -6.34 1.86 -6.96
C THR A 47 -7.35 0.72 -7.00
N GLU A 48 -7.56 0.18 -8.20
CA GLU A 48 -8.50 -0.93 -8.38
C GLU A 48 -7.76 -2.18 -8.84
N SER A 49 -6.55 -2.01 -9.34
CA SER A 49 -5.75 -3.13 -9.81
C SER A 49 -5.68 -4.23 -8.77
N ASP A 50 -5.19 -5.40 -9.17
CA ASP A 50 -5.06 -6.54 -8.26
C ASP A 50 -3.65 -6.61 -7.68
N LYS A 51 -2.98 -5.47 -7.63
CA LYS A 51 -1.62 -5.41 -7.09
C LYS A 51 -1.64 -4.97 -5.64
N VAL A 52 -2.77 -5.15 -4.97
CA VAL A 52 -2.92 -4.77 -3.57
C VAL A 52 -2.50 -5.91 -2.65
N ASN A 53 -2.39 -5.62 -1.36
CA ASN A 53 -2.01 -6.63 -0.37
C ASN A 53 -2.94 -7.83 -0.43
N LYS A 54 -2.46 -8.97 0.05
CA LYS A 54 -3.24 -10.20 0.05
C LYS A 54 -4.27 -10.17 1.18
N CYS A 55 -4.23 -9.13 2.00
CA CYS A 55 -5.17 -8.98 3.10
C CYS A 55 -6.59 -8.82 2.60
N PRO A 56 -7.57 -9.18 3.44
CA PRO A 56 -8.99 -9.07 3.09
C PRO A 56 -9.47 -7.62 3.01
N PRO A 57 -10.67 -7.42 2.47
CA PRO A 57 -11.27 -6.09 2.32
C PRO A 57 -11.66 -5.48 3.66
N ALA A 58 -12.35 -4.35 3.61
CA ALA A 58 -12.79 -3.66 4.82
C ALA A 58 -13.90 -2.68 4.51
N GLU A 59 -15.12 -3.19 4.33
CA GLU A 59 -16.27 -2.36 4.03
C GLU A 59 -17.55 -3.00 4.54
N GLY A 1 -12.87 5.03 18.28
CA GLY A 1 -13.08 4.68 16.88
C GLY A 1 -13.25 3.19 16.68
N THR A 2 -14.09 2.81 15.72
CA THR A 2 -14.35 1.41 15.42
C THR A 2 -14.00 1.08 13.98
N PRO A 3 -12.69 1.01 13.68
CA PRO A 3 -12.21 0.71 12.33
C PRO A 3 -12.48 -0.74 11.93
N VAL A 4 -12.40 -1.03 10.64
CA VAL A 4 -12.63 -2.37 10.13
C VAL A 4 -11.46 -2.85 9.27
N GLY A 5 -11.31 -4.16 9.16
CA GLY A 5 -10.23 -4.71 8.36
C GLY A 5 -8.89 -4.67 9.09
N ASN A 6 -8.18 -5.79 9.07
CA ASN A 6 -6.88 -5.88 9.73
C ASN A 6 -5.95 -4.77 9.26
N ASN A 7 -6.10 -4.39 7.98
CA ASN A 7 -5.27 -3.34 7.40
C ASN A 7 -5.43 -2.03 8.17
N LYS A 8 -4.32 -1.54 8.73
CA LYS A 8 -4.33 -0.30 9.49
C LYS A 8 -4.64 0.89 8.59
N CYS A 9 -4.29 0.77 7.31
CA CYS A 9 -4.53 1.83 6.34
C CYS A 9 -3.73 3.08 6.70
N TRP A 10 -2.48 3.13 6.24
CA TRP A 10 -1.62 4.27 6.52
C TRP A 10 -2.15 5.53 5.85
N ALA A 11 -1.38 6.62 5.95
CA ALA A 11 -1.78 7.89 5.35
C ALA A 11 -1.51 7.90 3.84
N ILE A 12 -2.54 8.20 3.07
CA ILE A 12 -2.42 8.25 1.62
C ILE A 12 -1.31 9.20 1.20
N GLY A 13 -0.34 8.68 0.45
CA GLY A 13 0.77 9.50 -0.03
C GLY A 13 2.09 9.07 0.57
N THR A 14 2.05 8.41 1.72
CA THR A 14 3.26 7.95 2.38
C THR A 14 3.59 6.52 1.97
N THR A 15 4.82 6.10 2.27
CA THR A 15 5.27 4.76 1.92
C THR A 15 4.57 3.71 2.77
N CYS A 16 4.72 2.44 2.38
CA CYS A 16 4.11 1.35 3.11
C CYS A 16 5.04 0.82 4.20
N SER A 17 4.55 -0.14 4.98
CA SER A 17 5.34 -0.73 6.06
C SER A 17 4.94 -2.18 6.30
N ASP A 18 4.31 -2.79 5.30
CA ASP A 18 3.87 -4.17 5.40
C ASP A 18 3.06 -4.40 6.67
N ASP A 19 2.82 -5.66 7.00
CA ASP A 19 2.06 -6.00 8.19
C ASP A 19 0.69 -5.33 8.17
N CYS A 20 0.02 -5.40 7.03
CA CYS A 20 -1.30 -4.79 6.89
C CYS A 20 -1.22 -3.28 7.04
N ASP A 21 -0.03 -2.73 6.81
CA ASP A 21 0.18 -1.29 6.92
C ASP A 21 -0.81 -0.52 6.04
N CYS A 22 -0.76 -0.78 4.74
CA CYS A 22 -1.65 -0.11 3.80
C CYS A 22 -2.99 -0.83 3.73
N CYS A 23 -3.95 -0.23 3.02
CA CYS A 23 -5.27 -0.80 2.87
C CYS A 23 -5.29 -1.87 1.78
N PRO A 24 -6.32 -2.73 1.80
CA PRO A 24 -6.47 -3.81 0.83
C PRO A 24 -6.82 -3.28 -0.57
N GLU A 25 -7.80 -2.40 -0.63
CA GLU A 25 -8.23 -1.82 -1.89
C GLU A 25 -7.15 -0.90 -2.46
N HIS A 26 -6.25 -0.44 -1.60
CA HIS A 26 -5.18 0.44 -2.00
C HIS A 26 -3.90 -0.34 -2.28
N HIS A 27 -2.80 0.37 -2.51
CA HIS A 27 -1.52 -0.25 -2.79
C HIS A 27 -0.39 0.78 -2.74
N CYS A 28 0.83 0.31 -3.01
CA CYS A 28 1.99 1.19 -3.00
C CYS A 28 2.41 1.56 -4.42
N HIS A 29 1.92 2.69 -4.90
CA HIS A 29 2.25 3.15 -6.24
C HIS A 29 3.67 3.71 -6.30
N CYS A 30 4.51 3.11 -7.14
CA CYS A 30 5.89 3.53 -7.28
C CYS A 30 6.10 4.28 -8.60
N PRO A 31 7.10 5.17 -8.64
CA PRO A 31 7.42 5.95 -9.83
C PRO A 31 8.01 5.10 -10.95
N ALA A 32 8.52 5.76 -11.98
CA ALA A 32 9.12 5.07 -13.11
C ALA A 32 10.44 4.40 -12.71
N GLY A 33 10.71 3.24 -13.30
CA GLY A 33 11.94 2.53 -12.99
C GLY A 33 13.17 3.40 -13.13
N LYS A 34 13.82 3.69 -12.02
CA LYS A 34 15.02 4.52 -12.02
C LYS A 34 16.26 3.69 -12.34
N TRP A 35 16.04 2.50 -12.87
CA TRP A 35 17.14 1.60 -13.21
C TRP A 35 17.93 1.21 -11.97
N LEU A 36 18.62 0.07 -12.05
CA LEU A 36 19.42 -0.42 -10.93
C LEU A 36 18.52 -0.76 -9.74
N PRO A 37 19.06 -1.59 -8.82
CA PRO A 37 18.33 -2.00 -7.61
C PRO A 37 18.14 -0.86 -6.63
N GLY A 38 17.26 -1.06 -5.65
CA GLY A 38 17.00 -0.04 -4.65
C GLY A 38 16.55 1.27 -5.27
N LEU A 39 15.44 1.23 -6.00
CA LEU A 39 14.90 2.42 -6.65
C LEU A 39 14.27 3.36 -5.63
N PHE A 40 13.59 4.39 -6.13
CA PHE A 40 12.93 5.35 -5.25
C PHE A 40 11.86 4.68 -4.40
N ARG A 41 11.17 5.47 -3.58
CA ARG A 41 10.13 4.95 -2.71
C ARG A 41 8.77 4.97 -3.41
N CYS A 42 7.74 4.50 -2.70
CA CYS A 42 6.39 4.47 -3.25
C CYS A 42 5.43 5.24 -2.37
N THR A 43 4.17 5.29 -2.78
CA THR A 43 3.14 6.00 -2.02
C THR A 43 1.86 5.17 -1.91
N CYS A 44 1.20 5.27 -0.77
CA CYS A 44 -0.03 4.52 -0.53
C CYS A 44 -1.22 5.23 -1.16
N GLN A 45 -1.86 4.57 -2.12
CA GLN A 45 -3.02 5.13 -2.81
C GLN A 45 -3.97 4.03 -3.26
N VAL A 46 -5.23 4.41 -3.49
CA VAL A 46 -6.23 3.46 -3.94
C VAL A 46 -5.82 2.75 -5.22
N THR A 47 -6.22 1.50 -5.37
CA THR A 47 -5.88 0.72 -6.55
C THR A 47 -7.07 -0.13 -7.02
N GLU A 48 -7.68 0.28 -8.12
CA GLU A 48 -8.83 -0.44 -8.66
C GLU A 48 -8.41 -1.78 -9.24
N SER A 49 -7.17 -1.83 -9.74
CA SER A 49 -6.64 -3.07 -10.33
C SER A 49 -6.57 -4.18 -9.30
N ASP A 50 -5.92 -5.27 -9.66
CA ASP A 50 -5.78 -6.42 -8.76
C ASP A 50 -4.45 -6.36 -8.03
N LYS A 51 -4.10 -5.18 -7.54
CA LYS A 51 -2.84 -5.00 -6.81
C LYS A 51 -3.11 -4.73 -5.33
N VAL A 52 -2.88 -5.74 -4.49
CA VAL A 52 -3.10 -5.60 -3.06
C VAL A 52 -1.85 -6.01 -2.28
N ASN A 53 -1.85 -5.71 -0.99
CA ASN A 53 -0.71 -6.04 -0.12
C ASN A 53 -0.77 -7.49 0.32
N LYS A 54 0.29 -7.95 0.96
CA LYS A 54 0.37 -9.33 1.44
C LYS A 54 -0.86 -9.68 2.28
N CYS A 55 -1.42 -8.67 2.94
CA CYS A 55 -2.59 -8.87 3.78
C CYS A 55 -3.83 -9.12 2.93
N PRO A 56 -4.83 -9.83 3.51
CA PRO A 56 -6.07 -10.15 2.81
C PRO A 56 -6.95 -8.92 2.59
N PRO A 57 -7.98 -9.07 1.75
CA PRO A 57 -8.92 -7.99 1.44
C PRO A 57 -9.80 -7.62 2.63
N ALA A 58 -9.18 -7.36 3.77
CA ALA A 58 -9.92 -7.01 4.97
C ALA A 58 -10.40 -5.56 4.91
N GLU A 59 -11.68 -5.39 4.59
CA GLU A 59 -12.26 -4.05 4.49
C GLU A 59 -13.37 -3.86 5.53
#